data_2LMC
#
_entry.id   2LMC
#
loop_
_entity.id
_entity.type
_entity.pdbx_description
1 polymer 'Bacterial RNA polymerase inhibitor'
2 polymer 'DNA-directed RNA polymerase subunit beta'
#
loop_
_entity_poly.entity_id
_entity_poly.type
_entity_poly.pdbx_seq_one_letter_code
_entity_poly.pdbx_strand_id
1 'polypeptide(L)'
;MGSSHHHHHHSSGLVPRGSHMSNVNTGSLSVDNKKFWATVESSEHSFEVPIYAETLDEALELAEWQYVPAGFEVTRVRPC
VAPK
;
A
2 'polypeptide(L)'
;MGSSHHHHHHSSGLVPRGSHMKEPAILAEISGIVSFGKETKGKRRLVITPVDGSDPYEEMIPKWRQLNVFEGERVERGDV
ISDG
;
B
#
# COMPACT_ATOMS: atom_id res chain seq x y z
N THR A 26 -1.07 16.22 -15.58
CA THR A 26 -2.45 16.49 -15.14
C THR A 26 -2.54 16.54 -13.62
N GLY A 27 -1.56 15.94 -12.95
CA GLY A 27 -1.54 15.92 -11.50
C GLY A 27 -0.80 14.71 -10.98
N SER A 28 0.41 14.95 -10.46
CA SER A 28 1.24 13.88 -9.92
C SER A 28 1.61 12.90 -11.03
N LEU A 29 1.76 11.62 -10.68
CA LEU A 29 2.10 10.57 -11.63
C LEU A 29 3.46 10.81 -12.27
N SER A 30 4.49 10.23 -11.68
CA SER A 30 5.85 10.45 -12.14
C SER A 30 6.17 9.53 -13.32
N VAL A 31 6.42 8.25 -13.03
CA VAL A 31 6.80 7.29 -14.05
C VAL A 31 6.10 5.96 -13.81
N ASP A 32 6.33 4.99 -14.69
CA ASP A 32 5.63 3.70 -14.62
C ASP A 32 6.62 2.54 -14.57
N ASN A 33 7.69 2.71 -13.79
CA ASN A 33 8.69 1.65 -13.63
C ASN A 33 8.09 0.41 -12.97
N LYS A 34 7.14 0.64 -12.09
CA LYS A 34 6.38 -0.44 -11.45
C LYS A 34 4.90 -0.07 -11.47
N LYS A 35 4.04 -1.04 -11.65
CA LYS A 35 2.61 -0.77 -11.71
C LYS A 35 1.95 -1.00 -10.35
N PHE A 36 1.31 0.03 -9.85
CA PHE A 36 0.60 -0.03 -8.58
C PHE A 36 -0.89 0.15 -8.83
N TRP A 37 -1.71 -0.66 -8.20
CA TRP A 37 -3.15 -0.58 -8.41
C TRP A 37 -3.84 0.06 -7.22
N ALA A 38 -4.74 0.99 -7.50
CA ALA A 38 -5.56 1.61 -6.48
C ALA A 38 -7.02 1.68 -6.93
N THR A 39 -7.91 1.00 -6.22
CA THR A 39 -9.31 1.08 -6.54
C THR A 39 -9.95 2.21 -5.75
N VAL A 40 -10.63 3.11 -6.47
CA VAL A 40 -11.18 4.32 -5.87
C VAL A 40 -12.69 4.30 -5.95
N GLU A 41 -13.34 4.94 -4.99
CA GLU A 41 -14.79 4.96 -4.94
C GLU A 41 -15.29 6.40 -4.82
N SER A 42 -16.29 6.72 -5.61
CA SER A 42 -16.89 8.04 -5.60
C SER A 42 -18.22 8.01 -4.84
N SER A 43 -19.05 9.03 -5.03
CA SER A 43 -20.36 9.08 -4.39
C SER A 43 -21.23 7.90 -4.83
N GLU A 44 -21.03 7.44 -6.06
CA GLU A 44 -21.77 6.30 -6.58
C GLU A 44 -20.84 5.37 -7.36
N HIS A 45 -20.00 5.97 -8.21
CA HIS A 45 -19.12 5.20 -9.07
C HIS A 45 -17.98 4.56 -8.28
N SER A 46 -17.45 3.48 -8.82
CA SER A 46 -16.31 2.79 -8.23
C SER A 46 -15.44 2.22 -9.36
N PHE A 47 -14.14 2.49 -9.31
CA PHE A 47 -13.26 2.09 -10.40
C PHE A 47 -11.85 1.78 -9.89
N GLU A 48 -11.00 1.30 -10.78
CA GLU A 48 -9.61 1.04 -10.46
C GLU A 48 -8.70 1.84 -11.37
N VAL A 49 -7.65 2.41 -10.80
CA VAL A 49 -6.71 3.22 -11.56
C VAL A 49 -5.29 2.93 -11.09
N PRO A 50 -4.34 2.76 -12.03
CA PRO A 50 -2.93 2.56 -11.69
C PRO A 50 -2.27 3.82 -11.15
N ILE A 51 -1.33 3.63 -10.25
CA ILE A 51 -0.56 4.74 -9.68
C ILE A 51 0.82 4.74 -10.30
N TYR A 52 1.29 5.91 -10.68
CA TYR A 52 2.58 6.01 -11.33
C TYR A 52 3.55 6.79 -10.47
N ALA A 53 4.55 6.08 -9.95
CA ALA A 53 5.60 6.69 -9.16
C ALA A 53 6.88 5.86 -9.26
N GLU A 54 7.96 6.34 -8.68
CA GLU A 54 9.22 5.62 -8.72
C GLU A 54 9.31 4.63 -7.56
N THR A 55 9.07 5.11 -6.36
CA THR A 55 9.23 4.29 -5.17
C THR A 55 7.88 3.76 -4.66
N LEU A 56 7.92 2.65 -3.92
CA LEU A 56 6.71 2.08 -3.34
C LEU A 56 5.98 3.09 -2.46
N ASP A 57 6.65 3.49 -1.37
CA ASP A 57 6.11 4.50 -0.45
C ASP A 57 5.67 5.75 -1.20
N GLU A 58 6.45 6.12 -2.21
CA GLU A 58 6.15 7.27 -3.05
C GLU A 58 4.76 7.14 -3.68
N ALA A 59 4.49 5.96 -4.24
CA ALA A 59 3.18 5.68 -4.84
C ALA A 59 2.11 5.60 -3.75
N LEU A 60 2.49 5.02 -2.62
CA LEU A 60 1.62 4.90 -1.47
C LEU A 60 1.12 6.27 -1.01
N GLU A 61 2.03 7.25 -1.00
CA GLU A 61 1.66 8.61 -0.68
C GLU A 61 0.65 9.13 -1.68
N LEU A 62 0.98 9.02 -2.95
CA LEU A 62 0.18 9.60 -4.03
C LEU A 62 -1.21 8.97 -4.12
N ALA A 63 -1.27 7.65 -4.01
CA ALA A 63 -2.54 6.93 -4.14
C ALA A 63 -3.61 7.56 -3.26
N GLU A 64 -3.26 7.85 -2.02
CA GLU A 64 -4.18 8.55 -1.13
C GLU A 64 -4.12 10.06 -1.37
N TRP A 65 -2.95 10.63 -1.17
CA TRP A 65 -2.77 12.08 -1.07
C TRP A 65 -3.12 12.80 -2.38
N GLN A 66 -3.00 12.12 -3.50
CA GLN A 66 -3.30 12.71 -4.80
C GLN A 66 -4.80 12.63 -5.13
N TYR A 67 -5.45 11.58 -4.67
CA TYR A 67 -6.84 11.33 -5.04
C TYR A 67 -7.83 11.94 -4.05
N VAL A 68 -7.46 11.98 -2.78
CA VAL A 68 -8.37 12.45 -1.74
C VAL A 68 -8.76 13.94 -1.88
N PRO A 69 -7.88 14.87 -2.36
CA PRO A 69 -8.26 16.27 -2.52
C PRO A 69 -9.17 16.49 -3.72
N ALA A 70 -9.30 15.46 -4.55
CA ALA A 70 -10.12 15.55 -5.74
C ALA A 70 -11.53 15.03 -5.48
N GLY A 71 -11.79 14.65 -4.23
CA GLY A 71 -13.11 14.18 -3.86
C GLY A 71 -13.26 12.69 -4.05
N PHE A 72 -12.18 12.03 -4.45
CA PHE A 72 -12.20 10.59 -4.65
C PHE A 72 -11.68 9.89 -3.42
N GLU A 73 -12.43 8.94 -2.90
CA GLU A 73 -12.03 8.20 -1.72
C GLU A 73 -11.50 6.83 -2.12
N VAL A 74 -10.23 6.60 -1.84
CA VAL A 74 -9.60 5.33 -2.13
C VAL A 74 -10.27 4.20 -1.35
N THR A 75 -10.40 3.04 -1.96
CA THR A 75 -11.01 1.89 -1.31
C THR A 75 -9.96 0.88 -0.88
N ARG A 76 -9.06 0.53 -1.79
CA ARG A 76 -8.03 -0.45 -1.51
C ARG A 76 -6.96 -0.37 -2.59
N VAL A 77 -5.73 -0.78 -2.27
CA VAL A 77 -4.68 -0.80 -3.28
C VAL A 77 -3.97 -2.15 -3.29
N ARG A 78 -3.34 -2.46 -4.41
CA ARG A 78 -2.52 -3.65 -4.53
C ARG A 78 -1.34 -3.37 -5.45
N PRO A 79 -0.16 -3.15 -4.88
CA PRO A 79 1.08 -2.98 -5.66
C PRO A 79 1.44 -4.24 -6.42
N CYS A 80 1.77 -4.09 -7.69
CA CYS A 80 2.19 -5.22 -8.51
C CYS A 80 3.60 -4.97 -9.01
N VAL A 81 4.58 -5.37 -8.21
CA VAL A 81 5.97 -5.16 -8.55
C VAL A 81 6.49 -6.27 -9.46
N ALA A 82 6.58 -7.48 -8.90
CA ALA A 82 7.06 -8.65 -9.64
C ALA A 82 8.43 -8.39 -10.25
N PRO A 83 9.52 -8.64 -9.48
CA PRO A 83 10.90 -8.34 -9.88
C PRO A 83 11.21 -8.65 -11.35
N LYS A 84 11.77 -7.66 -12.04
CA LYS A 84 12.17 -7.82 -13.42
C LYS A 84 13.66 -8.12 -13.50
N PRO B 24 0.80 -12.52 -1.64
CA PRO B 24 0.54 -11.98 -0.30
C PRO B 24 -0.89 -12.25 0.15
N ALA B 25 -1.09 -12.29 1.46
CA ALA B 25 -2.41 -12.49 2.03
C ALA B 25 -2.53 -11.71 3.33
N ILE B 26 -2.12 -12.35 4.43
CA ILE B 26 -2.04 -11.68 5.72
C ILE B 26 -0.60 -11.81 6.20
N LEU B 27 0.30 -11.15 5.48
CA LEU B 27 1.73 -11.33 5.71
C LEU B 27 2.50 -10.07 5.37
N ALA B 28 3.79 -10.10 5.65
CA ALA B 28 4.72 -9.09 5.20
C ALA B 28 5.47 -9.60 3.98
N GLU B 29 5.40 -8.86 2.88
CA GLU B 29 6.06 -9.27 1.65
C GLU B 29 7.58 -9.34 1.86
N ILE B 30 8.04 -8.59 2.84
CA ILE B 30 9.46 -8.58 3.21
C ILE B 30 9.59 -8.68 4.73
N SER B 31 10.71 -9.21 5.18
CA SER B 31 10.97 -9.32 6.60
C SER B 31 11.52 -8.01 7.13
N GLY B 32 11.04 -7.63 8.29
CA GLY B 32 11.48 -6.41 8.90
C GLY B 32 10.48 -5.88 9.90
N ILE B 33 10.55 -4.59 10.17
CA ILE B 33 9.64 -3.95 11.08
C ILE B 33 8.48 -3.30 10.33
N VAL B 34 7.30 -3.89 10.42
CA VAL B 34 6.13 -3.33 9.77
C VAL B 34 5.54 -2.23 10.64
N SER B 35 5.31 -1.07 10.06
CA SER B 35 4.76 0.04 10.80
C SER B 35 3.59 0.66 10.05
N PHE B 36 2.79 1.45 10.76
CA PHE B 36 1.61 2.05 10.17
C PHE B 36 1.75 3.57 10.08
N GLY B 37 1.03 4.16 9.16
CA GLY B 37 1.03 5.59 9.01
C GLY B 37 -0.37 6.14 8.75
N LYS B 38 -0.42 7.37 8.24
CA LYS B 38 -1.67 8.11 8.07
C LYS B 38 -2.70 7.34 7.25
N GLU B 39 -3.95 7.45 7.68
CA GLU B 39 -5.07 6.90 6.95
C GLU B 39 -6.15 7.97 6.78
N THR B 40 -6.42 8.33 5.53
CA THR B 40 -7.32 9.44 5.20
C THR B 40 -8.74 9.23 5.76
N LYS B 41 -9.18 7.99 5.88
CA LYS B 41 -10.54 7.71 6.30
C LYS B 41 -10.60 6.49 7.21
N GLY B 42 -10.61 5.31 6.60
CA GLY B 42 -10.63 4.07 7.35
C GLY B 42 -9.64 3.08 6.79
N LYS B 43 -8.44 3.57 6.54
CA LYS B 43 -7.40 2.77 5.92
C LYS B 43 -6.27 2.53 6.90
N ARG B 44 -5.13 2.11 6.38
CA ARG B 44 -3.96 1.91 7.19
C ARG B 44 -2.71 1.95 6.30
N ARG B 45 -1.79 2.87 6.58
CA ARG B 45 -0.58 2.98 5.78
C ARG B 45 0.41 1.89 6.18
N LEU B 46 0.63 0.94 5.28
CA LEU B 46 1.53 -0.17 5.55
C LEU B 46 2.93 0.15 5.05
N VAL B 47 3.81 0.51 5.97
CA VAL B 47 5.19 0.80 5.64
C VAL B 47 6.12 -0.18 6.36
N ILE B 48 6.64 -1.14 5.63
CA ILE B 48 7.50 -2.15 6.22
C ILE B 48 8.96 -1.74 6.10
N THR B 49 9.68 -1.86 7.19
CA THR B 49 11.10 -1.55 7.22
C THR B 49 11.92 -2.84 7.09
N PRO B 50 12.37 -3.18 5.87
CA PRO B 50 13.08 -4.43 5.58
C PRO B 50 14.38 -4.58 6.35
N VAL B 51 14.57 -5.76 6.90
CA VAL B 51 15.83 -6.15 7.52
C VAL B 51 16.47 -7.26 6.70
N ASP B 52 15.67 -7.82 5.81
CA ASP B 52 16.06 -8.96 4.99
C ASP B 52 16.89 -8.50 3.80
N GLY B 53 16.77 -7.24 3.47
CA GLY B 53 17.52 -6.67 2.37
C GLY B 53 17.02 -5.29 2.04
N SER B 54 17.73 -4.58 1.17
CA SER B 54 17.33 -3.24 0.79
C SER B 54 16.23 -3.29 -0.28
N ASP B 55 15.09 -3.85 0.09
CA ASP B 55 13.96 -3.99 -0.82
C ASP B 55 12.72 -3.35 -0.21
N PRO B 56 12.47 -2.07 -0.52
CA PRO B 56 11.33 -1.33 0.02
C PRO B 56 9.98 -1.91 -0.43
N TYR B 57 9.05 -2.00 0.51
CA TYR B 57 7.71 -2.47 0.20
C TYR B 57 6.68 -1.74 1.06
N GLU B 58 5.91 -0.88 0.41
CA GLU B 58 4.90 -0.09 1.10
C GLU B 58 3.59 -0.18 0.33
N GLU B 59 2.48 -0.22 1.05
CA GLU B 59 1.17 -0.26 0.42
C GLU B 59 0.10 0.30 1.34
N MET B 60 -1.11 0.42 0.81
CA MET B 60 -2.23 0.96 1.56
C MET B 60 -3.27 -0.12 1.81
N ILE B 61 -3.15 -0.77 2.95
CA ILE B 61 -4.09 -1.81 3.34
C ILE B 61 -5.15 -1.20 4.25
N PRO B 62 -6.43 -1.34 3.87
CA PRO B 62 -7.55 -0.81 4.67
C PRO B 62 -7.58 -1.37 6.09
N LYS B 63 -8.15 -0.59 7.00
CA LYS B 63 -8.15 -0.93 8.42
C LYS B 63 -9.12 -2.09 8.70
N TRP B 64 -10.03 -2.34 7.76
CA TRP B 64 -11.00 -3.43 7.92
C TRP B 64 -10.33 -4.76 7.61
N ARG B 65 -9.21 -4.68 6.92
CA ARG B 65 -8.44 -5.85 6.56
C ARG B 65 -7.71 -6.39 7.77
N GLN B 66 -7.75 -7.69 7.96
CA GLN B 66 -6.97 -8.33 9.00
C GLN B 66 -5.51 -8.22 8.66
N LEU B 67 -4.83 -7.35 9.39
CA LEU B 67 -3.46 -6.98 9.08
C LEU B 67 -2.48 -8.06 9.55
N ASN B 68 -1.25 -7.99 9.07
CA ASN B 68 -0.25 -8.97 9.43
C ASN B 68 0.03 -8.92 10.93
N VAL B 69 0.26 -7.72 11.44
CA VAL B 69 0.51 -7.51 12.86
C VAL B 69 0.48 -6.00 13.12
N PHE B 70 0.74 -5.58 14.36
CA PHE B 70 0.69 -4.16 14.69
C PHE B 70 1.93 -3.42 14.18
N GLU B 71 1.96 -2.12 14.43
CA GLU B 71 3.05 -1.27 13.93
C GLU B 71 4.29 -1.39 14.81
N GLY B 72 5.46 -1.26 14.17
CA GLY B 72 6.71 -1.36 14.87
C GLY B 72 7.01 -2.79 15.28
N GLU B 73 6.39 -3.73 14.59
CA GLU B 73 6.50 -5.13 14.91
C GLU B 73 7.42 -5.85 13.93
N ARG B 74 8.19 -6.79 14.45
CA ARG B 74 9.12 -7.56 13.66
C ARG B 74 8.45 -8.81 13.07
N VAL B 75 8.50 -8.93 11.76
CA VAL B 75 7.93 -10.08 11.07
C VAL B 75 8.86 -10.53 9.94
N GLU B 76 8.55 -11.69 9.37
CA GLU B 76 9.38 -12.27 8.32
C GLU B 76 8.59 -12.33 7.01
N ARG B 77 9.32 -12.40 5.91
CA ARG B 77 8.73 -12.46 4.56
C ARG B 77 7.75 -13.62 4.44
N GLY B 78 6.48 -13.29 4.27
CA GLY B 78 5.45 -14.29 4.03
C GLY B 78 4.96 -14.94 5.30
N ASP B 79 5.83 -15.11 6.26
CA ASP B 79 5.47 -15.78 7.50
C ASP B 79 4.98 -14.76 8.52
N VAL B 80 3.66 -14.78 8.76
CA VAL B 80 3.04 -13.98 9.80
C VAL B 80 1.74 -14.63 10.26
N ILE B 81 0.69 -14.43 9.47
CA ILE B 81 -0.62 -14.97 9.81
C ILE B 81 -1.13 -15.92 8.73
N SER B 82 -1.09 -15.46 7.48
CA SER B 82 -1.59 -16.24 6.37
C SER B 82 -0.77 -15.98 5.12
N ASP B 83 -0.25 -17.04 4.54
CA ASP B 83 0.56 -16.94 3.35
C ASP B 83 -0.31 -17.04 2.11
N GLY B 84 0.08 -16.30 1.09
CA GLY B 84 -0.63 -16.31 -0.17
C GLY B 84 0.08 -15.47 -1.19
N THR A 26 -5.30 14.89 -14.64
CA THR A 26 -4.93 16.21 -15.19
C THR A 26 -3.88 16.89 -14.31
N GLY A 27 -2.64 16.89 -14.78
CA GLY A 27 -1.57 17.56 -14.07
C GLY A 27 -0.98 16.73 -12.95
N SER A 28 -1.85 16.25 -12.06
CA SER A 28 -1.44 15.52 -10.86
C SER A 28 -0.63 14.27 -11.21
N LEU A 29 -1.12 13.48 -12.16
CA LEU A 29 -0.44 12.25 -12.56
C LEU A 29 0.93 12.58 -13.16
N SER A 30 1.96 11.92 -12.66
CA SER A 30 3.32 12.17 -13.11
C SER A 30 3.72 11.16 -14.18
N VAL A 31 4.97 10.73 -14.16
CA VAL A 31 5.50 9.78 -15.14
C VAL A 31 4.94 8.38 -14.91
N ASP A 32 5.25 7.47 -15.83
CA ASP A 32 4.66 6.13 -15.80
C ASP A 32 5.72 5.05 -15.85
N ASN A 33 6.92 5.35 -15.37
CA ASN A 33 8.01 4.37 -15.33
C ASN A 33 7.67 3.20 -14.42
N LYS A 34 6.79 3.46 -13.47
CA LYS A 34 6.27 2.44 -12.58
C LYS A 34 4.75 2.39 -12.70
N LYS A 35 4.14 1.31 -12.23
CA LYS A 35 2.70 1.13 -12.36
C LYS A 35 2.09 0.66 -11.05
N PHE A 36 0.98 1.30 -10.68
CA PHE A 36 0.31 1.01 -9.41
C PHE A 36 -1.21 1.05 -9.61
N TRP A 37 -1.92 0.09 -9.04
CA TRP A 37 -3.37 0.07 -9.15
C TRP A 37 -4.04 0.56 -7.88
N ALA A 38 -4.64 1.75 -7.95
CA ALA A 38 -5.42 2.28 -6.84
C ALA A 38 -6.90 2.13 -7.14
N THR A 39 -7.57 1.28 -6.37
CA THR A 39 -8.99 1.07 -6.57
C THR A 39 -9.79 2.10 -5.76
N VAL A 40 -10.45 2.99 -6.49
CA VAL A 40 -11.22 4.06 -5.89
C VAL A 40 -12.70 3.70 -5.93
N GLU A 41 -13.45 4.14 -4.93
CA GLU A 41 -14.86 3.79 -4.83
C GLU A 41 -15.64 4.89 -4.13
N SER A 42 -16.58 5.48 -4.85
CA SER A 42 -17.43 6.51 -4.30
C SER A 42 -18.84 6.44 -4.89
N SER A 43 -19.67 7.41 -4.59
CA SER A 43 -21.06 7.38 -5.02
C SER A 43 -21.20 7.37 -6.54
N GLU A 44 -20.40 8.17 -7.23
CA GLU A 44 -20.52 8.29 -8.69
C GLU A 44 -19.90 7.09 -9.40
N HIS A 45 -18.60 6.88 -9.23
CA HIS A 45 -17.92 5.80 -9.92
C HIS A 45 -17.03 5.00 -8.99
N SER A 46 -16.84 3.73 -9.34
CA SER A 46 -15.91 2.86 -8.66
C SER A 46 -15.02 2.18 -9.70
N PHE A 47 -13.71 2.31 -9.55
CA PHE A 47 -12.79 1.84 -10.59
C PHE A 47 -11.38 1.63 -10.04
N GLU A 48 -10.56 0.94 -10.81
CA GLU A 48 -9.15 0.79 -10.48
C GLU A 48 -8.34 1.70 -11.40
N VAL A 49 -7.64 2.66 -10.83
CA VAL A 49 -6.92 3.65 -11.61
C VAL A 49 -5.41 3.51 -11.39
N PRO A 50 -4.61 3.61 -12.46
CA PRO A 50 -3.16 3.61 -12.35
C PRO A 50 -2.64 4.88 -11.68
N ILE A 51 -1.58 4.73 -10.89
CA ILE A 51 -0.95 5.87 -10.26
C ILE A 51 0.35 6.18 -10.98
N TYR A 52 0.52 7.43 -11.34
CA TYR A 52 1.70 7.83 -12.07
C TYR A 52 2.67 8.53 -11.15
N ALA A 53 3.81 7.89 -10.87
CA ALA A 53 4.80 8.45 -9.98
C ALA A 53 6.20 7.92 -10.28
N GLU A 54 7.18 8.38 -9.51
CA GLU A 54 8.56 7.95 -9.66
C GLU A 54 8.78 6.61 -8.97
N THR A 55 8.46 6.56 -7.68
CA THR A 55 8.79 5.42 -6.84
C THR A 55 7.56 4.87 -6.14
N LEU A 56 7.74 3.78 -5.40
CA LEU A 56 6.68 3.24 -4.55
C LEU A 56 6.26 4.28 -3.53
N ASP A 57 7.25 4.86 -2.87
CA ASP A 57 7.04 5.90 -1.85
C ASP A 57 6.05 6.95 -2.33
N GLU A 58 6.38 7.57 -3.46
CA GLU A 58 5.57 8.65 -3.99
C GLU A 58 4.19 8.17 -4.37
N ALA A 59 4.13 7.09 -5.14
CA ALA A 59 2.85 6.56 -5.63
C ALA A 59 1.94 6.15 -4.50
N LEU A 60 2.53 5.54 -3.48
CA LEU A 60 1.78 5.11 -2.30
C LEU A 60 1.09 6.29 -1.64
N GLU A 61 1.82 7.38 -1.48
CA GLU A 61 1.29 8.57 -0.85
C GLU A 61 0.34 9.30 -1.81
N LEU A 62 0.67 9.27 -3.09
CA LEU A 62 -0.15 9.93 -4.11
C LEU A 62 -1.51 9.26 -4.24
N ALA A 63 -1.53 7.93 -4.31
CA ALA A 63 -2.79 7.19 -4.44
C ALA A 63 -3.85 7.73 -3.49
N GLU A 64 -3.43 7.99 -2.27
CA GLU A 64 -4.28 8.60 -1.26
C GLU A 64 -4.34 10.12 -1.44
N TRP A 65 -3.22 10.78 -1.20
CA TRP A 65 -3.17 12.24 -1.04
C TRP A 65 -3.48 12.99 -2.34
N GLN A 66 -3.35 12.33 -3.47
CA GLN A 66 -3.63 12.95 -4.76
C GLN A 66 -5.12 12.86 -5.09
N TYR A 67 -5.76 11.80 -4.60
CA TYR A 67 -7.16 11.53 -4.93
C TYR A 67 -8.13 12.06 -3.88
N VAL A 68 -7.72 12.04 -2.62
CA VAL A 68 -8.61 12.45 -1.53
C VAL A 68 -9.02 13.94 -1.58
N PRO A 69 -8.17 14.90 -2.04
CA PRO A 69 -8.57 16.31 -2.11
C PRO A 69 -9.45 16.59 -3.32
N ALA A 70 -9.70 15.55 -4.11
CA ALA A 70 -10.58 15.66 -5.27
C ALA A 70 -11.93 15.03 -4.97
N GLY A 71 -12.13 14.67 -3.70
CA GLY A 71 -13.40 14.10 -3.28
C GLY A 71 -13.53 12.64 -3.64
N PHE A 72 -12.39 11.95 -3.73
CA PHE A 72 -12.40 10.52 -4.01
C PHE A 72 -12.02 9.73 -2.76
N GLU A 73 -12.82 8.72 -2.45
CA GLU A 73 -12.48 7.81 -1.38
C GLU A 73 -11.83 6.57 -1.96
N VAL A 74 -10.57 6.39 -1.65
CA VAL A 74 -9.83 5.22 -2.09
C VAL A 74 -10.27 3.99 -1.30
N THR A 75 -10.24 2.85 -1.94
CA THR A 75 -10.56 1.59 -1.28
C THR A 75 -9.27 0.88 -0.91
N ARG A 76 -8.45 0.60 -1.92
CA ARG A 76 -7.18 -0.09 -1.72
C ARG A 76 -6.22 0.33 -2.83
N VAL A 77 -4.99 -0.16 -2.77
CA VAL A 77 -4.02 0.03 -3.83
C VAL A 77 -3.01 -1.10 -3.79
N ARG A 78 -2.51 -1.50 -4.94
CA ARG A 78 -1.52 -2.57 -5.01
C ARG A 78 -0.45 -2.22 -6.02
N PRO A 79 0.71 -1.75 -5.52
CA PRO A 79 1.88 -1.46 -6.34
C PRO A 79 2.39 -2.68 -7.10
N CYS A 80 2.75 -2.48 -8.36
CA CYS A 80 3.29 -3.57 -9.16
C CYS A 80 4.76 -3.78 -8.81
N VAL A 81 4.99 -4.63 -7.82
CA VAL A 81 6.33 -4.97 -7.38
C VAL A 81 6.49 -6.48 -7.38
N ALA A 82 7.69 -6.96 -7.68
CA ALA A 82 7.94 -8.39 -7.80
C ALA A 82 8.43 -8.99 -6.49
N PRO A 83 7.60 -9.82 -5.84
CA PRO A 83 7.99 -10.55 -4.64
C PRO A 83 8.99 -11.65 -4.97
N LYS A 84 10.26 -11.38 -4.73
CA LYS A 84 11.32 -12.29 -5.10
C LYS A 84 11.77 -13.12 -3.90
N PRO B 24 -0.72 -15.55 -1.13
CA PRO B 24 -0.60 -14.72 0.09
C PRO B 24 -1.95 -14.58 0.77
N ALA B 25 -1.96 -14.73 2.08
CA ALA B 25 -3.20 -14.61 2.86
C ALA B 25 -3.11 -13.48 3.88
N ILE B 26 -2.65 -13.80 5.08
CA ILE B 26 -2.55 -12.83 6.17
C ILE B 26 -1.11 -12.75 6.64
N LEU B 27 -0.29 -11.99 5.92
CA LEU B 27 1.15 -12.03 6.14
C LEU B 27 1.81 -10.72 5.76
N ALA B 28 3.07 -10.60 6.14
CA ALA B 28 3.93 -9.52 5.69
C ALA B 28 4.75 -10.04 4.51
N GLU B 29 4.72 -9.29 3.40
CA GLU B 29 5.35 -9.71 2.15
C GLU B 29 6.86 -9.89 2.31
N ILE B 30 7.43 -9.17 3.25
CA ILE B 30 8.86 -9.27 3.51
C ILE B 30 9.11 -9.29 5.01
N SER B 31 10.30 -9.73 5.39
CA SER B 31 10.66 -9.78 6.79
C SER B 31 11.26 -8.45 7.21
N GLY B 32 10.90 -8.04 8.41
CA GLY B 32 11.36 -6.78 8.93
C GLY B 32 10.41 -6.19 9.94
N ILE B 33 10.48 -4.87 10.08
CA ILE B 33 9.65 -4.16 11.02
C ILE B 33 8.44 -3.56 10.30
N VAL B 34 7.28 -4.13 10.52
CA VAL B 34 6.07 -3.62 9.92
C VAL B 34 5.58 -2.39 10.68
N SER B 35 5.51 -1.27 9.98
CA SER B 35 5.09 -0.01 10.58
C SER B 35 3.91 0.57 9.82
N PHE B 36 3.29 1.60 10.38
CA PHE B 36 2.13 2.21 9.76
C PHE B 36 2.35 3.71 9.59
N GLY B 37 1.88 4.24 8.47
CA GLY B 37 1.97 5.66 8.22
C GLY B 37 0.60 6.28 7.99
N LYS B 38 0.59 7.53 7.54
CA LYS B 38 -0.66 8.31 7.42
C LYS B 38 -1.69 7.57 6.57
N GLU B 39 -2.93 7.60 7.03
CA GLU B 39 -4.02 6.95 6.31
C GLU B 39 -5.22 7.87 6.18
N THR B 40 -6.11 7.54 5.25
CA THR B 40 -7.35 8.28 5.07
C THR B 40 -8.56 7.47 5.53
N LYS B 41 -9.05 7.80 6.73
CA LYS B 41 -10.32 7.30 7.27
C LYS B 41 -10.54 5.80 7.03
N GLY B 42 -10.08 4.98 7.97
CA GLY B 42 -10.33 3.56 7.89
C GLY B 42 -9.26 2.82 7.11
N LYS B 43 -8.33 3.57 6.55
CA LYS B 43 -7.23 2.99 5.83
C LYS B 43 -6.01 2.85 6.75
N ARG B 44 -4.91 2.33 6.23
CA ARG B 44 -3.68 2.24 6.99
C ARG B 44 -2.49 2.08 6.05
N ARG B 45 -1.47 2.92 6.22
CA ARG B 45 -0.27 2.78 5.37
C ARG B 45 0.63 1.68 5.91
N LEU B 46 0.67 0.55 5.21
CA LEU B 46 1.50 -0.58 5.63
C LEU B 46 2.92 -0.39 5.12
N VAL B 47 3.84 -0.14 6.04
CA VAL B 47 5.24 0.02 5.68
C VAL B 47 6.07 -1.09 6.31
N ILE B 48 6.44 -2.07 5.53
CA ILE B 48 7.28 -3.14 6.06
C ILE B 48 8.73 -2.79 5.85
N THR B 49 9.43 -2.52 6.94
CA THR B 49 10.83 -2.15 6.89
C THR B 49 11.71 -3.41 6.86
N PRO B 50 12.19 -3.80 5.66
CA PRO B 50 12.95 -5.03 5.46
C PRO B 50 14.24 -5.09 6.27
N VAL B 51 14.36 -6.14 7.08
CA VAL B 51 15.60 -6.41 7.80
C VAL B 51 16.33 -7.55 7.12
N ASP B 52 15.60 -8.27 6.29
CA ASP B 52 16.15 -9.37 5.51
C ASP B 52 16.03 -9.06 4.03
N GLY B 53 16.98 -8.32 3.51
CA GLY B 53 16.97 -7.95 2.11
C GLY B 53 16.72 -6.47 1.92
N SER B 54 16.94 -5.99 0.72
CA SER B 54 16.76 -4.57 0.42
C SER B 54 15.57 -4.36 -0.53
N ASP B 55 14.44 -4.96 -0.18
CA ASP B 55 13.22 -4.82 -0.98
C ASP B 55 12.13 -4.13 -0.16
N PRO B 56 12.09 -2.79 -0.17
CA PRO B 56 11.06 -2.03 0.57
C PRO B 56 9.66 -2.29 0.03
N TYR B 57 8.79 -2.81 0.88
CA TYR B 57 7.41 -3.08 0.49
C TYR B 57 6.46 -2.20 1.29
N GLU B 58 5.84 -1.27 0.60
CA GLU B 58 4.83 -0.41 1.21
C GLU B 58 3.56 -0.45 0.40
N GLU B 59 2.43 -0.49 1.08
CA GLU B 59 1.15 -0.61 0.42
C GLU B 59 0.06 -0.05 1.32
N MET B 60 -0.92 0.64 0.74
CA MET B 60 -2.03 1.16 1.52
C MET B 60 -2.99 0.03 1.83
N ILE B 61 -2.92 -0.44 3.07
CA ILE B 61 -3.71 -1.56 3.52
C ILE B 61 -4.76 -1.08 4.49
N PRO B 62 -6.03 -1.20 4.11
CA PRO B 62 -7.16 -0.76 4.94
C PRO B 62 -7.20 -1.46 6.30
N LYS B 63 -7.83 -0.80 7.27
CA LYS B 63 -7.98 -1.35 8.60
C LYS B 63 -8.91 -2.57 8.54
N TRP B 64 -9.78 -2.58 7.55
CA TRP B 64 -10.70 -3.70 7.36
C TRP B 64 -10.08 -4.79 6.51
N ARG B 65 -8.80 -4.62 6.21
CA ARG B 65 -8.00 -5.66 5.59
C ARG B 65 -7.21 -6.36 6.68
N GLN B 66 -6.98 -7.65 6.52
CA GLN B 66 -6.30 -8.44 7.52
C GLN B 66 -4.84 -8.03 7.64
N LEU B 67 -4.57 -7.14 8.58
CA LEU B 67 -3.22 -6.71 8.86
C LEU B 67 -2.53 -7.77 9.72
N ASN B 68 -1.29 -8.07 9.39
CA ASN B 68 -0.55 -9.13 10.07
C ASN B 68 -0.35 -8.80 11.56
N VAL B 69 0.23 -7.64 11.86
CA VAL B 69 0.38 -7.17 13.24
C VAL B 69 0.44 -5.65 13.29
N PHE B 70 0.67 -5.10 14.47
CA PHE B 70 0.74 -3.65 14.65
C PHE B 70 2.09 -3.10 14.17
N GLU B 71 2.26 -1.79 14.29
CA GLU B 71 3.45 -1.13 13.78
C GLU B 71 4.65 -1.27 14.72
N GLY B 72 5.83 -1.24 14.13
CA GLY B 72 7.07 -1.40 14.87
C GLY B 72 7.30 -2.83 15.30
N GLU B 73 6.49 -3.72 14.77
CA GLU B 73 6.56 -5.13 15.11
C GLU B 73 7.51 -5.86 14.17
N ARG B 74 8.33 -6.72 14.73
CA ARG B 74 9.28 -7.50 13.95
C ARG B 74 8.66 -8.81 13.50
N VAL B 75 8.56 -8.97 12.19
CA VAL B 75 7.96 -10.15 11.59
C VAL B 75 8.81 -10.66 10.43
N GLU B 76 8.55 -11.90 10.02
CA GLU B 76 9.22 -12.47 8.85
C GLU B 76 8.19 -12.69 7.75
N ARG B 77 8.67 -12.81 6.51
CA ARG B 77 7.79 -13.00 5.36
C ARG B 77 6.88 -14.21 5.53
N GLY B 78 5.58 -13.95 5.61
CA GLY B 78 4.61 -15.02 5.66
C GLY B 78 4.31 -15.48 7.05
N ASP B 79 5.35 -15.70 7.84
CA ASP B 79 5.18 -16.21 9.19
C ASP B 79 4.71 -15.11 10.12
N VAL B 80 3.46 -15.21 10.54
CA VAL B 80 2.87 -14.25 11.45
C VAL B 80 1.42 -14.63 11.76
N ILE B 81 0.56 -14.63 10.74
CA ILE B 81 -0.84 -15.00 10.93
C ILE B 81 -1.21 -16.20 10.06
N SER B 82 -0.91 -16.10 8.77
CA SER B 82 -1.23 -17.15 7.82
C SER B 82 -0.58 -16.89 6.47
N ASP B 83 0.29 -17.79 6.06
CA ASP B 83 0.94 -17.70 4.77
C ASP B 83 0.48 -18.86 3.89
N GLY B 84 0.27 -18.58 2.63
CA GLY B 84 -0.22 -19.60 1.71
C GLY B 84 -0.47 -19.03 0.34
N THR A 26 -2.26 19.77 -5.53
CA THR A 26 -1.39 18.58 -5.42
C THR A 26 -1.96 17.42 -6.22
N GLY A 27 -1.24 17.02 -7.27
CA GLY A 27 -1.66 15.91 -8.08
C GLY A 27 -0.75 15.72 -9.27
N SER A 28 0.16 14.76 -9.18
CA SER A 28 1.10 14.49 -10.26
C SER A 28 1.52 13.03 -10.27
N LEU A 29 2.36 12.70 -11.23
CA LEU A 29 2.92 11.36 -11.36
C LEU A 29 4.44 11.49 -11.49
N SER A 30 5.13 10.37 -11.60
CA SER A 30 6.58 10.41 -11.67
C SER A 30 7.15 9.25 -12.48
N VAL A 31 7.92 9.60 -13.52
CA VAL A 31 8.79 8.70 -14.31
C VAL A 31 8.08 7.54 -15.03
N ASP A 32 7.12 6.88 -14.38
CA ASP A 32 6.43 5.73 -14.97
C ASP A 32 7.42 4.60 -15.26
N ASN A 33 7.83 3.91 -14.21
CA ASN A 33 8.67 2.71 -14.38
C ASN A 33 7.99 1.48 -13.78
N LYS A 34 7.15 1.72 -12.79
CA LYS A 34 6.36 0.66 -12.18
C LYS A 34 4.88 0.93 -12.37
N LYS A 35 4.05 -0.05 -12.03
CA LYS A 35 2.61 0.12 -12.08
C LYS A 35 1.97 -0.25 -10.76
N PHE A 36 1.04 0.56 -10.33
CA PHE A 36 0.31 0.32 -9.08
C PHE A 36 -1.16 0.65 -9.29
N TRP A 37 -2.05 -0.29 -9.03
CA TRP A 37 -3.46 -0.08 -9.34
C TRP A 37 -4.25 0.37 -8.12
N ALA A 38 -4.73 1.60 -8.16
CA ALA A 38 -5.53 2.13 -7.06
C ALA A 38 -7.01 2.05 -7.40
N THR A 39 -7.78 1.37 -6.54
CA THR A 39 -9.21 1.29 -6.73
C THR A 39 -9.89 2.38 -5.89
N VAL A 40 -10.40 3.39 -6.59
CA VAL A 40 -11.01 4.53 -5.93
C VAL A 40 -12.52 4.37 -5.90
N GLU A 41 -13.15 4.79 -4.82
CA GLU A 41 -14.58 4.55 -4.64
C GLU A 41 -15.34 5.86 -4.48
N SER A 42 -16.11 6.21 -5.49
CA SER A 42 -16.96 7.38 -5.41
C SER A 42 -18.39 6.96 -5.11
N SER A 43 -19.26 7.95 -4.93
CA SER A 43 -20.68 7.67 -4.73
C SER A 43 -21.34 7.29 -6.05
N GLU A 44 -20.55 7.30 -7.12
CA GLU A 44 -21.06 7.00 -8.44
C GLU A 44 -20.67 5.58 -8.86
N HIS A 45 -19.38 5.27 -8.80
CA HIS A 45 -18.87 3.99 -9.27
C HIS A 45 -17.41 3.81 -8.88
N SER A 46 -17.06 2.67 -8.31
CA SER A 46 -15.68 2.37 -7.97
C SER A 46 -14.88 2.07 -9.23
N PHE A 47 -13.68 2.62 -9.33
CA PHE A 47 -12.85 2.44 -10.51
C PHE A 47 -11.40 2.19 -10.15
N GLU A 48 -10.69 1.46 -11.00
CA GLU A 48 -9.29 1.18 -10.76
C GLU A 48 -8.42 1.93 -11.74
N VAL A 49 -7.55 2.76 -11.22
CA VAL A 49 -6.69 3.60 -12.03
C VAL A 49 -5.22 3.37 -11.65
N PRO A 50 -4.34 3.17 -12.65
CA PRO A 50 -2.92 2.99 -12.42
C PRO A 50 -2.26 4.24 -11.86
N ILE A 51 -1.38 4.05 -10.89
CA ILE A 51 -0.61 5.13 -10.30
C ILE A 51 0.80 5.04 -10.85
N TYR A 52 1.36 6.19 -11.19
CA TYR A 52 2.66 6.22 -11.85
C TYR A 52 3.67 6.96 -11.00
N ALA A 53 4.65 6.23 -10.50
CA ALA A 53 5.65 6.80 -9.63
C ALA A 53 6.99 6.13 -9.78
N GLU A 54 8.00 6.62 -9.08
CA GLU A 54 9.34 6.05 -9.15
C GLU A 54 9.44 4.76 -8.34
N THR A 55 9.02 4.81 -7.08
CA THR A 55 9.10 3.65 -6.20
C THR A 55 7.82 3.53 -5.38
N LEU A 56 7.71 2.45 -4.60
CA LEU A 56 6.52 2.19 -3.80
C LEU A 56 6.09 3.39 -2.96
N ASP A 57 7.05 4.00 -2.25
CA ASP A 57 6.77 5.15 -1.38
C ASP A 57 6.01 6.24 -2.11
N GLU A 58 6.58 6.68 -3.23
CA GLU A 58 5.98 7.75 -4.03
C GLU A 58 4.58 7.37 -4.48
N ALA A 59 4.44 6.14 -4.95
CA ALA A 59 3.16 5.65 -5.44
C ALA A 59 2.12 5.63 -4.32
N LEU A 60 2.53 5.08 -3.19
CA LEU A 60 1.69 5.01 -2.00
C LEU A 60 1.24 6.40 -1.58
N GLU A 61 2.17 7.35 -1.60
CA GLU A 61 1.87 8.71 -1.26
C GLU A 61 0.91 9.35 -2.26
N LEU A 62 1.23 9.21 -3.55
CA LEU A 62 0.41 9.83 -4.59
C LEU A 62 -0.98 9.22 -4.64
N ALA A 63 -1.08 7.90 -4.60
CA ALA A 63 -2.37 7.22 -4.71
C ALA A 63 -3.39 7.78 -3.73
N GLU A 64 -2.93 8.05 -2.52
CA GLU A 64 -3.77 8.72 -1.53
C GLU A 64 -3.80 10.22 -1.77
N TRP A 65 -2.63 10.84 -1.62
CA TRP A 65 -2.53 12.30 -1.52
C TRP A 65 -2.96 13.03 -2.78
N GLN A 66 -2.85 12.38 -3.94
CA GLN A 66 -3.25 13.05 -5.18
C GLN A 66 -4.75 12.90 -5.41
N TYR A 67 -5.36 11.88 -4.81
CA TYR A 67 -6.78 11.61 -5.01
C TYR A 67 -7.66 12.18 -3.90
N VAL A 68 -7.27 11.95 -2.65
CA VAL A 68 -8.15 12.26 -1.51
C VAL A 68 -8.56 13.74 -1.39
N PRO A 69 -7.67 14.74 -1.64
CA PRO A 69 -8.03 16.15 -1.46
C PRO A 69 -9.03 16.63 -2.52
N ALA A 70 -9.17 15.84 -3.58
CA ALA A 70 -10.07 16.18 -4.67
C ALA A 70 -11.46 15.61 -4.41
N GLY A 71 -11.67 15.09 -3.20
CA GLY A 71 -12.96 14.54 -2.84
C GLY A 71 -13.09 13.09 -3.25
N PHE A 72 -12.01 12.34 -3.12
CA PHE A 72 -12.01 10.94 -3.50
C PHE A 72 -11.51 10.06 -2.36
N GLU A 73 -12.31 9.09 -1.99
CA GLU A 73 -11.90 8.08 -1.03
C GLU A 73 -11.59 6.80 -1.79
N VAL A 74 -10.48 6.18 -1.47
CA VAL A 74 -10.09 4.97 -2.14
C VAL A 74 -10.77 3.77 -1.48
N THR A 75 -10.59 2.59 -2.05
CA THR A 75 -11.00 1.37 -1.39
C THR A 75 -9.77 0.59 -0.98
N ARG A 76 -8.84 0.48 -1.93
CA ARG A 76 -7.62 -0.24 -1.74
C ARG A 76 -6.66 0.03 -2.89
N VAL A 77 -5.50 -0.59 -2.84
CA VAL A 77 -4.52 -0.48 -3.91
C VAL A 77 -3.83 -1.81 -4.11
N ARG A 78 -3.50 -2.12 -5.36
CA ARG A 78 -2.73 -3.30 -5.69
C ARG A 78 -1.42 -2.89 -6.33
N PRO A 79 -0.39 -2.64 -5.51
CA PRO A 79 0.92 -2.24 -5.99
C PRO A 79 1.70 -3.42 -6.57
N CYS A 80 2.19 -3.28 -7.78
CA CYS A 80 2.95 -4.34 -8.41
C CYS A 80 4.44 -4.16 -8.13
N VAL A 81 4.91 -4.78 -7.05
CA VAL A 81 6.31 -4.75 -6.71
C VAL A 81 7.11 -5.57 -7.73
N ALA A 82 6.42 -6.53 -8.33
CA ALA A 82 6.97 -7.32 -9.42
C ALA A 82 6.13 -7.10 -10.67
N PRO A 83 6.39 -6.01 -11.41
CA PRO A 83 5.58 -5.63 -12.58
C PRO A 83 5.72 -6.60 -13.74
N LYS A 84 4.71 -6.62 -14.60
CA LYS A 84 4.69 -7.53 -15.73
C LYS A 84 5.28 -6.85 -16.96
N PRO B 24 -0.19 -14.49 -0.23
CA PRO B 24 0.16 -14.26 1.18
C PRO B 24 -1.09 -14.15 2.04
N ALA B 25 -1.13 -14.96 3.09
CA ALA B 25 -2.24 -14.93 4.04
C ALA B 25 -2.04 -13.78 5.02
N ILE B 26 -2.46 -13.97 6.27
CA ILE B 26 -2.26 -12.95 7.28
C ILE B 26 -0.81 -12.97 7.76
N LEU B 27 0.05 -12.36 6.97
CA LEU B 27 1.48 -12.37 7.24
C LEU B 27 2.14 -11.14 6.66
N ALA B 28 3.36 -10.86 7.10
CA ALA B 28 4.13 -9.75 6.57
C ALA B 28 4.75 -10.14 5.24
N GLU B 29 4.57 -9.29 4.23
CA GLU B 29 5.02 -9.56 2.87
C GLU B 29 6.53 -9.74 2.82
N ILE B 30 7.23 -9.04 3.70
CA ILE B 30 8.67 -9.11 3.78
C ILE B 30 9.12 -9.15 5.24
N SER B 31 10.37 -9.50 5.46
CA SER B 31 10.90 -9.64 6.80
C SER B 31 11.51 -8.34 7.30
N GLY B 32 10.98 -7.84 8.41
CA GLY B 32 11.50 -6.64 9.00
C GLY B 32 10.55 -6.01 9.99
N ILE B 33 10.59 -4.69 10.07
CA ILE B 33 9.75 -3.95 10.99
C ILE B 33 8.49 -3.49 10.27
N VAL B 34 7.37 -4.10 10.59
CA VAL B 34 6.11 -3.70 10.01
C VAL B 34 5.59 -2.47 10.75
N SER B 35 5.32 -1.41 10.02
CA SER B 35 4.81 -0.20 10.60
C SER B 35 3.59 0.29 9.84
N PHE B 36 2.80 1.12 10.48
CA PHE B 36 1.59 1.64 9.85
C PHE B 36 1.57 3.15 9.95
N GLY B 37 1.36 3.79 8.81
CA GLY B 37 1.41 5.23 8.74
C GLY B 37 0.06 5.85 8.46
N LYS B 38 0.06 6.95 7.72
CA LYS B 38 -1.13 7.77 7.52
C LYS B 38 -2.32 6.96 7.03
N GLU B 39 -3.48 7.31 7.55
CA GLU B 39 -4.72 6.60 7.25
C GLU B 39 -5.77 7.60 6.76
N THR B 40 -6.58 7.22 5.79
CA THR B 40 -7.63 8.12 5.30
C THR B 40 -8.78 8.21 6.29
N LYS B 41 -9.76 7.32 6.16
CA LYS B 41 -10.85 7.24 7.11
C LYS B 41 -10.97 5.83 7.65
N GLY B 42 -10.98 4.85 6.75
CA GLY B 42 -11.04 3.46 7.14
C GLY B 42 -9.90 2.67 6.56
N LYS B 43 -8.86 3.37 6.15
CA LYS B 43 -7.68 2.73 5.59
C LYS B 43 -6.50 2.89 6.52
N ARG B 44 -5.35 2.35 6.15
CA ARG B 44 -4.15 2.44 6.96
C ARG B 44 -2.92 2.20 6.08
N ARG B 45 -1.84 2.93 6.35
CA ARG B 45 -0.64 2.81 5.52
C ARG B 45 0.21 1.63 5.94
N LEU B 46 0.25 0.59 5.12
CA LEU B 46 1.10 -0.56 5.38
C LEU B 46 2.51 -0.30 4.86
N VAL B 47 3.42 0.00 5.76
CA VAL B 47 4.81 0.19 5.40
C VAL B 47 5.68 -0.80 6.15
N ILE B 48 6.11 -1.84 5.47
CA ILE B 48 6.96 -2.85 6.09
C ILE B 48 8.41 -2.52 5.78
N THR B 49 9.16 -2.22 6.83
CA THR B 49 10.55 -1.83 6.70
C THR B 49 11.47 -3.05 6.82
N PRO B 50 11.97 -3.57 5.69
CA PRO B 50 12.79 -4.78 5.69
C PRO B 50 14.16 -4.53 6.31
N VAL B 51 14.47 -5.29 7.35
CA VAL B 51 15.78 -5.22 7.98
C VAL B 51 16.52 -6.53 7.77
N ASP B 52 15.75 -7.60 7.63
CA ASP B 52 16.30 -8.92 7.34
C ASP B 52 16.64 -9.00 5.87
N GLY B 53 15.67 -8.67 5.04
CA GLY B 53 15.92 -8.54 3.62
C GLY B 53 15.98 -7.08 3.21
N SER B 54 16.09 -6.83 1.92
CA SER B 54 16.16 -5.47 1.43
C SER B 54 15.24 -5.27 0.23
N ASP B 55 13.98 -5.65 0.41
CA ASP B 55 12.99 -5.52 -0.65
C ASP B 55 11.79 -4.70 -0.16
N PRO B 56 11.81 -3.39 -0.41
CA PRO B 56 10.73 -2.49 0.02
C PRO B 56 9.35 -2.90 -0.51
N TYR B 57 8.36 -2.87 0.36
CA TYR B 57 6.99 -3.14 -0.02
C TYR B 57 6.06 -2.29 0.83
N GLU B 58 5.44 -1.31 0.20
CA GLU B 58 4.51 -0.42 0.86
C GLU B 58 3.16 -0.46 0.16
N GLU B 59 2.07 -0.47 0.94
CA GLU B 59 0.74 -0.57 0.36
C GLU B 59 -0.28 0.22 1.18
N MET B 60 -1.24 0.83 0.49
CA MET B 60 -2.37 1.48 1.13
C MET B 60 -3.46 0.45 1.39
N ILE B 61 -3.41 -0.16 2.56
CA ILE B 61 -4.34 -1.21 2.93
C ILE B 61 -5.53 -0.62 3.69
N PRO B 62 -6.60 -1.40 3.86
CA PRO B 62 -7.75 -0.98 4.63
C PRO B 62 -7.64 -1.42 6.10
N LYS B 63 -8.30 -0.67 6.98
CA LYS B 63 -8.26 -0.96 8.40
C LYS B 63 -9.14 -2.17 8.73
N TRP B 64 -9.91 -2.61 7.75
CA TRP B 64 -10.82 -3.74 7.93
C TRP B 64 -10.06 -5.04 7.76
N ARG B 65 -8.87 -4.94 7.18
CA ARG B 65 -8.00 -6.09 6.93
C ARG B 65 -7.44 -6.63 8.24
N GLN B 66 -7.48 -7.94 8.38
CA GLN B 66 -6.79 -8.60 9.48
C GLN B 66 -5.29 -8.46 9.27
N LEU B 67 -4.68 -7.60 10.07
CA LEU B 67 -3.27 -7.27 9.91
C LEU B 67 -2.40 -8.31 10.57
N ASN B 68 -1.11 -8.25 10.31
CA ASN B 68 -0.18 -9.22 10.87
C ASN B 68 0.06 -8.93 12.35
N VAL B 69 0.29 -7.66 12.66
CA VAL B 69 0.60 -7.25 14.02
C VAL B 69 0.55 -5.71 14.10
N PHE B 70 0.91 -5.12 15.23
CA PHE B 70 0.92 -3.67 15.37
C PHE B 70 2.13 -3.07 14.66
N GLU B 71 2.22 -1.74 14.69
CA GLU B 71 3.30 -1.04 14.00
C GLU B 71 4.58 -1.03 14.83
N GLY B 72 5.72 -0.96 14.13
CA GLY B 72 7.01 -0.93 14.78
C GLY B 72 7.35 -2.28 15.38
N GLU B 73 6.83 -3.33 14.76
CA GLU B 73 7.03 -4.68 15.23
C GLU B 73 7.93 -5.46 14.29
N ARG B 74 8.93 -6.12 14.87
CA ARG B 74 9.85 -6.94 14.10
C ARG B 74 9.25 -8.31 13.82
N VAL B 75 9.04 -8.60 12.55
CA VAL B 75 8.47 -9.85 12.11
C VAL B 75 9.18 -10.37 10.87
N GLU B 76 9.00 -11.64 10.57
CA GLU B 76 9.62 -12.23 9.39
C GLU B 76 8.54 -12.58 8.37
N ARG B 77 8.92 -12.56 7.10
CA ARG B 77 8.01 -12.85 6.01
C ARG B 77 7.35 -14.20 6.17
N GLY B 78 6.04 -14.20 6.38
CA GLY B 78 5.29 -15.43 6.46
C GLY B 78 4.90 -15.80 7.88
N ASP B 79 5.84 -15.72 8.80
CA ASP B 79 5.60 -16.15 10.18
C ASP B 79 5.07 -15.03 11.05
N VAL B 80 3.82 -15.16 11.47
CA VAL B 80 3.22 -14.21 12.40
C VAL B 80 1.80 -14.65 12.81
N ILE B 81 0.90 -14.79 11.83
CA ILE B 81 -0.46 -15.24 12.13
C ILE B 81 -0.80 -16.51 11.37
N SER B 82 -0.57 -16.49 10.07
CA SER B 82 -0.84 -17.64 9.22
C SER B 82 -0.10 -17.50 7.90
N ASP B 83 0.64 -18.53 7.53
CA ASP B 83 1.43 -18.51 6.31
C ASP B 83 0.67 -19.16 5.18
N GLY B 84 0.79 -18.58 4.00
CA GLY B 84 0.16 -19.13 2.83
C GLY B 84 -0.11 -18.05 1.81
N THR A 26 4.55 17.52 -6.63
CA THR A 26 4.48 16.05 -6.43
C THR A 26 3.04 15.60 -6.20
N GLY A 27 2.36 15.24 -7.28
CA GLY A 27 0.98 14.81 -7.18
C GLY A 27 0.23 14.92 -8.48
N SER A 28 0.82 14.39 -9.55
CA SER A 28 0.17 14.37 -10.84
C SER A 28 0.52 13.10 -11.61
N LEU A 29 1.64 13.15 -12.31
CA LEU A 29 2.14 12.02 -13.05
C LEU A 29 3.63 11.84 -12.79
N SER A 30 4.21 10.84 -13.43
CA SER A 30 5.62 10.53 -13.31
C SER A 30 5.94 9.32 -14.19
N VAL A 31 6.99 8.59 -13.86
CA VAL A 31 7.34 7.39 -14.60
C VAL A 31 6.30 6.30 -14.36
N ASP A 32 6.32 5.25 -15.16
CA ASP A 32 5.30 4.22 -15.10
C ASP A 32 5.92 2.84 -14.88
N ASN A 33 7.18 2.85 -14.44
CA ASN A 33 7.96 1.63 -14.20
C ASN A 33 7.14 0.52 -13.53
N LYS A 34 6.60 0.77 -12.35
CA LYS A 34 5.69 -0.17 -11.72
C LYS A 34 4.25 0.27 -11.92
N LYS A 35 3.38 -0.70 -12.15
CA LYS A 35 1.96 -0.44 -12.34
C LYS A 35 1.27 -0.40 -10.99
N PHE A 36 0.67 0.73 -10.68
CA PHE A 36 -0.04 0.89 -9.42
C PHE A 36 -1.52 1.13 -9.69
N TRP A 37 -2.37 0.19 -9.31
CA TRP A 37 -3.79 0.35 -9.50
C TRP A 37 -4.47 0.74 -8.19
N ALA A 38 -4.81 2.02 -8.06
CA ALA A 38 -5.44 2.52 -6.85
C ALA A 38 -6.96 2.41 -6.95
N THR A 39 -7.48 1.35 -6.37
CA THR A 39 -8.91 1.18 -6.22
C THR A 39 -9.48 2.28 -5.33
N VAL A 40 -10.18 3.22 -5.94
CA VAL A 40 -10.83 4.28 -5.19
C VAL A 40 -12.34 4.08 -5.22
N GLU A 41 -13.02 4.62 -4.24
CA GLU A 41 -14.46 4.47 -4.15
C GLU A 41 -15.14 5.82 -4.24
N SER A 42 -15.80 6.06 -5.35
CA SER A 42 -16.58 7.26 -5.52
C SER A 42 -18.02 6.99 -5.10
N SER A 43 -18.79 8.04 -4.84
CA SER A 43 -20.17 7.88 -4.41
C SER A 43 -20.98 7.12 -5.45
N GLU A 44 -20.68 7.33 -6.72
CA GLU A 44 -21.35 6.63 -7.80
C GLU A 44 -20.86 5.18 -7.90
N HIS A 45 -19.57 5.00 -8.17
CA HIS A 45 -19.01 3.66 -8.29
C HIS A 45 -17.53 3.64 -7.94
N SER A 46 -17.02 2.46 -7.62
CA SER A 46 -15.62 2.28 -7.30
C SER A 46 -14.84 1.80 -8.52
N PHE A 47 -13.60 2.24 -8.66
CA PHE A 47 -12.76 1.84 -9.78
C PHE A 47 -11.29 1.97 -9.42
N GLU A 48 -10.43 1.29 -10.16
CA GLU A 48 -9.00 1.40 -9.95
C GLU A 48 -8.38 2.39 -10.93
N VAL A 49 -7.66 3.35 -10.39
CA VAL A 49 -6.99 4.36 -11.18
C VAL A 49 -5.48 4.27 -10.98
N PRO A 50 -4.71 4.22 -12.07
CA PRO A 50 -3.26 4.05 -12.02
C PRO A 50 -2.52 5.21 -11.36
N ILE A 51 -1.48 4.87 -10.61
CA ILE A 51 -0.61 5.87 -9.98
C ILE A 51 0.71 5.91 -10.74
N TYR A 52 1.32 7.08 -10.79
CA TYR A 52 2.60 7.21 -11.47
C TYR A 52 3.65 7.76 -10.51
N ALA A 53 4.62 6.93 -10.19
CA ALA A 53 5.67 7.31 -9.25
C ALA A 53 6.93 6.51 -9.52
N GLU A 54 8.06 7.03 -9.03
CA GLU A 54 9.36 6.40 -9.25
C GLU A 54 9.68 5.44 -8.11
N THR A 55 9.02 5.63 -6.98
CA THR A 55 9.26 4.81 -5.81
C THR A 55 7.96 4.20 -5.29
N LEU A 56 8.04 2.99 -4.77
CA LEU A 56 6.84 2.27 -4.30
C LEU A 56 6.10 3.08 -3.25
N ASP A 57 6.81 3.46 -2.19
CA ASP A 57 6.22 4.23 -1.09
C ASP A 57 5.67 5.55 -1.58
N GLU A 58 6.34 6.13 -2.58
CA GLU A 58 5.92 7.38 -3.18
C GLU A 58 4.55 7.21 -3.84
N ALA A 59 4.37 6.12 -4.55
CA ALA A 59 3.09 5.81 -5.19
C ALA A 59 2.01 5.65 -4.13
N LEU A 60 2.37 4.99 -3.04
CA LEU A 60 1.47 4.79 -1.92
C LEU A 60 1.01 6.13 -1.35
N GLU A 61 1.94 7.07 -1.25
CA GLU A 61 1.63 8.41 -0.77
C GLU A 61 0.69 9.12 -1.74
N LEU A 62 1.01 9.06 -3.01
CA LEU A 62 0.24 9.77 -4.03
C LEU A 62 -1.18 9.22 -4.14
N ALA A 63 -1.33 7.90 -4.02
CA ALA A 63 -2.65 7.27 -4.08
C ALA A 63 -3.61 7.96 -3.11
N GLU A 64 -3.11 8.27 -1.92
CA GLU A 64 -3.88 9.01 -0.94
C GLU A 64 -3.84 10.51 -1.24
N TRP A 65 -2.65 11.09 -1.06
CA TRP A 65 -2.48 12.54 -0.99
C TRP A 65 -2.84 13.25 -2.28
N GLN A 66 -2.75 12.55 -3.41
CA GLN A 66 -3.07 13.15 -4.69
C GLN A 66 -4.58 13.09 -4.96
N TYR A 67 -5.23 12.06 -4.44
CA TYR A 67 -6.62 11.78 -4.76
C TYR A 67 -7.60 12.35 -3.75
N VAL A 68 -7.20 12.40 -2.49
CA VAL A 68 -8.11 12.88 -1.44
C VAL A 68 -8.51 14.36 -1.60
N PRO A 69 -7.62 15.28 -2.08
CA PRO A 69 -8.01 16.68 -2.32
C PRO A 69 -8.85 16.82 -3.59
N ALA A 70 -8.90 15.76 -4.37
CA ALA A 70 -9.69 15.73 -5.58
C ALA A 70 -11.10 15.22 -5.29
N GLY A 71 -11.31 14.79 -4.07
CA GLY A 71 -12.63 14.34 -3.66
C GLY A 71 -12.79 12.84 -3.80
N PHE A 72 -11.70 12.12 -3.70
CA PHE A 72 -11.72 10.67 -3.83
C PHE A 72 -11.40 10.00 -2.51
N GLU A 73 -12.31 9.14 -2.06
CA GLU A 73 -12.01 8.25 -0.96
C GLU A 73 -11.46 6.95 -1.51
N VAL A 74 -10.19 6.71 -1.23
CA VAL A 74 -9.51 5.53 -1.70
C VAL A 74 -10.12 4.27 -1.08
N THR A 75 -9.82 3.13 -1.67
CA THR A 75 -10.29 1.85 -1.15
C THR A 75 -9.10 0.91 -0.91
N ARG A 76 -8.36 0.64 -1.98
CA ARG A 76 -7.18 -0.20 -1.93
C ARG A 76 -6.26 0.15 -3.08
N VAL A 77 -5.16 -0.56 -3.21
CA VAL A 77 -4.24 -0.34 -4.32
C VAL A 77 -3.45 -1.63 -4.57
N ARG A 78 -3.17 -1.92 -5.83
CA ARG A 78 -2.37 -3.09 -6.15
C ARG A 78 -1.09 -2.67 -6.86
N PRO A 79 0.00 -2.50 -6.10
CA PRO A 79 1.32 -2.25 -6.64
C PRO A 79 1.98 -3.54 -7.12
N CYS A 80 2.48 -3.56 -8.34
CA CYS A 80 3.14 -4.76 -8.84
C CYS A 80 4.54 -4.89 -8.23
N VAL A 81 4.59 -5.51 -7.06
CA VAL A 81 5.86 -5.81 -6.41
C VAL A 81 6.18 -7.30 -6.55
N ALA A 82 5.62 -8.09 -5.66
CA ALA A 82 5.77 -9.53 -5.70
C ALA A 82 4.49 -10.22 -6.22
N PRO A 83 3.29 -9.91 -5.66
CA PRO A 83 2.03 -10.44 -6.19
C PRO A 83 1.81 -10.09 -7.65
N LYS A 84 1.42 -11.08 -8.42
CA LYS A 84 1.20 -10.92 -9.85
C LYS A 84 0.18 -11.93 -10.34
N PRO B 24 0.38 -15.96 -1.46
CA PRO B 24 0.65 -15.26 -0.19
C PRO B 24 -0.64 -15.05 0.59
N ALA B 25 -0.62 -15.47 1.85
CA ALA B 25 -1.74 -15.25 2.74
C ALA B 25 -1.50 -14.01 3.59
N ILE B 26 -2.11 -13.94 4.76
CA ILE B 26 -1.90 -12.83 5.67
C ILE B 26 -0.51 -12.91 6.28
N LEU B 27 0.47 -12.41 5.54
CA LEU B 27 1.86 -12.50 5.94
C LEU B 27 2.63 -11.25 5.51
N ALA B 28 3.74 -10.98 6.18
CA ALA B 28 4.62 -9.89 5.79
C ALA B 28 5.48 -10.36 4.62
N GLU B 29 5.41 -9.64 3.51
CA GLU B 29 6.11 -10.03 2.28
C GLU B 29 7.62 -10.02 2.50
N ILE B 30 8.08 -9.21 3.43
CA ILE B 30 9.50 -9.09 3.73
C ILE B 30 9.74 -9.14 5.23
N SER B 31 10.95 -9.50 5.61
CA SER B 31 11.33 -9.60 7.01
C SER B 31 11.78 -8.26 7.54
N GLY B 32 11.12 -7.77 8.58
CA GLY B 32 11.50 -6.52 9.18
C GLY B 32 10.46 -5.99 10.12
N ILE B 33 10.43 -4.68 10.25
CA ILE B 33 9.49 -4.01 11.14
C ILE B 33 8.31 -3.48 10.35
N VAL B 34 7.16 -4.12 10.50
CA VAL B 34 5.96 -3.64 9.84
C VAL B 34 5.43 -2.41 10.58
N SER B 35 5.11 -1.37 9.83
CA SER B 35 4.64 -0.15 10.43
C SER B 35 3.47 0.42 9.65
N PHE B 36 2.75 1.35 10.26
CA PHE B 36 1.59 1.96 9.64
C PHE B 36 1.74 3.46 9.60
N GLY B 37 1.08 4.09 8.65
CA GLY B 37 1.17 5.53 8.52
C GLY B 37 -0.17 6.17 8.24
N LYS B 38 -0.16 7.45 7.87
CA LYS B 38 -1.38 8.24 7.69
C LYS B 38 -2.36 7.56 6.73
N GLU B 39 -3.61 7.50 7.16
CA GLU B 39 -4.68 6.94 6.36
C GLU B 39 -5.89 7.87 6.35
N THR B 40 -6.79 7.69 5.40
CA THR B 40 -7.94 8.58 5.25
C THR B 40 -8.88 8.50 6.45
N LYS B 41 -9.77 7.51 6.47
CA LYS B 41 -10.71 7.35 7.57
C LYS B 41 -10.67 5.92 8.10
N GLY B 42 -10.97 4.97 7.23
CA GLY B 42 -10.93 3.57 7.60
C GLY B 42 -9.88 2.81 6.81
N LYS B 43 -8.77 3.47 6.52
CA LYS B 43 -7.71 2.86 5.74
C LYS B 43 -6.50 2.65 6.63
N ARG B 44 -5.38 2.22 6.06
CA ARG B 44 -4.14 2.14 6.80
C ARG B 44 -2.95 2.10 5.84
N ARG B 45 -1.94 2.90 6.11
CA ARG B 45 -0.73 2.89 5.29
C ARG B 45 0.19 1.75 5.73
N LEU B 46 0.15 0.63 5.02
CA LEU B 46 0.98 -0.51 5.37
C LEU B 46 2.38 -0.33 4.77
N VAL B 47 3.34 -0.08 5.64
CA VAL B 47 4.72 0.06 5.21
C VAL B 47 5.61 -0.88 6.02
N ILE B 48 6.12 -1.93 5.37
CA ILE B 48 6.97 -2.89 6.03
C ILE B 48 8.43 -2.50 5.86
N THR B 49 9.12 -2.28 6.98
CA THR B 49 10.50 -1.85 6.96
C THR B 49 11.44 -3.07 7.04
N PRO B 50 12.01 -3.48 5.89
CA PRO B 50 12.86 -4.67 5.82
C PRO B 50 14.16 -4.54 6.63
N VAL B 51 14.50 -5.58 7.37
CA VAL B 51 15.73 -5.60 8.16
C VAL B 51 16.69 -6.68 7.67
N ASP B 52 16.20 -7.53 6.78
CA ASP B 52 17.01 -8.59 6.19
C ASP B 52 16.82 -8.61 4.68
N GLY B 53 15.61 -9.00 4.26
CA GLY B 53 15.28 -8.97 2.86
C GLY B 53 14.90 -7.57 2.42
N SER B 54 15.90 -6.79 2.05
CA SER B 54 15.70 -5.39 1.68
C SER B 54 15.00 -5.27 0.33
N ASP B 55 13.70 -5.45 0.34
CA ASP B 55 12.87 -5.27 -0.84
C ASP B 55 11.61 -4.52 -0.45
N PRO B 56 11.66 -3.17 -0.47
CA PRO B 56 10.58 -2.30 0.02
C PRO B 56 9.19 -2.75 -0.43
N TYR B 57 8.34 -3.05 0.54
CA TYR B 57 6.99 -3.48 0.29
C TYR B 57 6.01 -2.57 0.99
N GLU B 58 5.30 -1.78 0.21
CA GLU B 58 4.33 -0.84 0.75
C GLU B 58 3.01 -0.95 -0.01
N GLU B 59 1.90 -0.87 0.71
CA GLU B 59 0.58 -0.90 0.07
C GLU B 59 -0.45 -0.20 0.95
N MET B 60 -1.51 0.28 0.32
CA MET B 60 -2.61 0.90 1.04
C MET B 60 -3.57 -0.19 1.52
N ILE B 61 -3.24 -0.74 2.67
CA ILE B 61 -4.04 -1.80 3.28
C ILE B 61 -5.03 -1.20 4.26
N PRO B 62 -6.31 -1.38 4.01
CA PRO B 62 -7.38 -0.76 4.80
C PRO B 62 -7.52 -1.37 6.19
N LYS B 63 -8.26 -0.65 7.04
CA LYS B 63 -8.47 -1.06 8.41
C LYS B 63 -9.44 -2.24 8.46
N TRP B 64 -10.19 -2.43 7.37
CA TRP B 64 -11.10 -3.56 7.26
C TRP B 64 -10.41 -4.77 6.66
N ARG B 65 -9.09 -4.68 6.52
CA ARG B 65 -8.27 -5.79 6.09
C ARG B 65 -7.63 -6.43 7.31
N GLN B 66 -7.60 -7.76 7.34
CA GLN B 66 -6.93 -8.47 8.42
C GLN B 66 -5.42 -8.25 8.29
N LEU B 67 -4.86 -7.53 9.24
CA LEU B 67 -3.47 -7.12 9.18
C LEU B 67 -2.55 -8.20 9.74
N ASN B 68 -1.29 -8.15 9.33
CA ASN B 68 -0.30 -9.11 9.79
C ASN B 68 -0.08 -8.93 11.28
N VAL B 69 0.23 -7.71 11.69
CA VAL B 69 0.40 -7.38 13.09
C VAL B 69 0.46 -5.85 13.21
N PHE B 70 0.66 -5.33 14.40
CA PHE B 70 0.62 -3.88 14.62
C PHE B 70 1.87 -3.20 14.12
N GLU B 71 1.91 -1.88 14.20
CA GLU B 71 3.04 -1.11 13.69
C GLU B 71 4.21 -1.12 14.67
N GLY B 72 5.41 -1.09 14.11
CA GLY B 72 6.61 -1.11 14.92
C GLY B 72 6.87 -2.51 15.47
N GLU B 73 6.37 -3.49 14.75
CA GLU B 73 6.48 -4.87 15.16
C GLU B 73 7.44 -5.64 14.26
N ARG B 74 8.35 -6.38 14.88
CA ARG B 74 9.30 -7.21 14.15
C ARG B 74 8.64 -8.49 13.67
N VAL B 75 8.68 -8.70 12.37
CA VAL B 75 8.11 -9.88 11.74
C VAL B 75 9.10 -10.46 10.73
N GLU B 76 8.78 -11.64 10.23
CA GLU B 76 9.63 -12.30 9.26
C GLU B 76 8.80 -12.66 8.03
N ARG B 77 9.44 -12.63 6.85
CA ARG B 77 8.77 -12.91 5.59
C ARG B 77 7.98 -14.21 5.65
N GLY B 78 6.67 -14.10 5.54
CA GLY B 78 5.81 -15.27 5.51
C GLY B 78 5.22 -15.62 6.85
N ASP B 79 6.05 -15.60 7.89
CA ASP B 79 5.63 -16.01 9.22
C ASP B 79 5.09 -14.84 10.03
N VAL B 80 3.79 -14.88 10.30
CA VAL B 80 3.16 -13.90 11.20
C VAL B 80 1.71 -14.29 11.51
N ILE B 81 0.87 -14.44 10.49
CA ILE B 81 -0.52 -14.84 10.70
C ILE B 81 -0.83 -16.14 9.97
N SER B 82 -0.49 -16.17 8.69
CA SER B 82 -0.69 -17.36 7.88
C SER B 82 0.22 -17.32 6.68
N ASP B 83 1.05 -18.34 6.56
CA ASP B 83 1.96 -18.44 5.44
C ASP B 83 1.32 -19.25 4.33
N GLY B 84 1.69 -18.93 3.12
CA GLY B 84 1.19 -19.66 1.97
C GLY B 84 0.97 -18.73 0.79
N THR A 26 1.75 16.54 -17.71
CA THR A 26 2.12 15.88 -16.44
C THR A 26 1.59 16.67 -15.25
N GLY A 27 0.41 16.28 -14.76
CA GLY A 27 -0.16 16.93 -13.60
C GLY A 27 0.41 16.38 -12.31
N SER A 28 -0.41 15.69 -11.54
CA SER A 28 0.05 15.08 -10.30
C SER A 28 0.66 13.70 -10.61
N LEU A 29 0.28 13.16 -11.76
CA LEU A 29 0.83 11.90 -12.23
C LEU A 29 2.24 12.09 -12.75
N SER A 30 3.22 11.67 -11.96
CA SER A 30 4.62 11.89 -12.27
C SER A 30 5.09 11.03 -13.45
N VAL A 31 5.20 9.72 -13.24
CA VAL A 31 5.68 8.83 -14.30
C VAL A 31 5.15 7.40 -14.10
N ASP A 32 4.68 6.79 -15.19
CA ASP A 32 4.07 5.46 -15.12
C ASP A 32 5.11 4.37 -15.36
N ASN A 33 6.35 4.66 -15.00
CA ASN A 33 7.45 3.69 -15.11
C ASN A 33 7.13 2.38 -14.40
N LYS A 34 6.64 2.48 -13.17
CA LYS A 34 6.22 1.30 -12.42
C LYS A 34 4.71 1.14 -12.55
N LYS A 35 4.19 -0.02 -12.16
CA LYS A 35 2.76 -0.25 -12.22
C LYS A 35 2.17 -0.40 -10.82
N PHE A 36 1.52 0.65 -10.35
CA PHE A 36 0.88 0.63 -9.05
C PHE A 36 -0.59 0.99 -9.20
N TRP A 37 -1.47 0.10 -8.79
CA TRP A 37 -2.90 0.32 -8.94
C TRP A 37 -3.53 0.83 -7.66
N ALA A 38 -4.52 1.70 -7.82
CA ALA A 38 -5.33 2.18 -6.70
C ALA A 38 -6.79 2.16 -7.12
N THR A 39 -7.64 1.53 -6.33
CA THR A 39 -9.06 1.55 -6.62
C THR A 39 -9.74 2.65 -5.81
N VAL A 40 -10.39 3.55 -6.53
CA VAL A 40 -10.98 4.73 -5.93
C VAL A 40 -12.49 4.60 -5.93
N GLU A 41 -13.11 5.07 -4.87
CA GLU A 41 -14.56 5.01 -4.74
C GLU A 41 -15.14 6.40 -4.79
N SER A 42 -16.22 6.55 -5.52
CA SER A 42 -16.95 7.79 -5.59
C SER A 42 -18.23 7.65 -4.78
N SER A 43 -19.19 8.53 -5.03
CA SER A 43 -20.46 8.49 -4.33
C SER A 43 -21.19 7.16 -4.55
N GLU A 44 -21.18 6.68 -5.79
CA GLU A 44 -21.92 5.48 -6.14
C GLU A 44 -21.05 4.43 -6.83
N HIS A 45 -20.07 4.88 -7.59
CA HIS A 45 -19.26 3.97 -8.41
C HIS A 45 -17.84 3.87 -7.89
N SER A 46 -17.18 2.77 -8.24
CA SER A 46 -15.79 2.55 -7.85
C SER A 46 -14.98 2.07 -9.06
N PHE A 47 -13.75 2.55 -9.18
CA PHE A 47 -12.93 2.23 -10.34
C PHE A 47 -11.48 1.97 -9.92
N GLU A 48 -10.71 1.39 -10.83
CA GLU A 48 -9.28 1.16 -10.59
C GLU A 48 -8.45 2.00 -11.54
N VAL A 49 -7.42 2.64 -11.01
CA VAL A 49 -6.57 3.50 -11.81
C VAL A 49 -5.11 3.38 -11.37
N PRO A 50 -4.16 3.30 -12.33
CA PRO A 50 -2.73 3.26 -12.03
C PRO A 50 -2.21 4.59 -11.49
N ILE A 51 -1.25 4.52 -10.59
CA ILE A 51 -0.68 5.71 -9.98
C ILE A 51 0.70 5.97 -10.57
N TYR A 52 0.93 7.20 -11.01
CA TYR A 52 2.17 7.53 -11.67
C TYR A 52 3.15 8.14 -10.68
N ALA A 53 4.21 7.41 -10.36
CA ALA A 53 5.23 7.89 -9.45
C ALA A 53 6.55 7.20 -9.74
N GLU A 54 7.63 7.85 -9.35
CA GLU A 54 8.97 7.28 -9.53
C GLU A 54 9.15 6.04 -8.66
N THR A 55 8.89 6.20 -7.37
CA THR A 55 9.10 5.13 -6.41
C THR A 55 7.79 4.68 -5.79
N LEU A 56 7.76 3.45 -5.27
CA LEU A 56 6.54 2.91 -4.67
C LEU A 56 6.08 3.78 -3.51
N ASP A 57 7.02 4.19 -2.67
CA ASP A 57 6.75 5.06 -1.52
C ASP A 57 5.97 6.30 -1.94
N GLU A 58 6.32 6.83 -3.10
CA GLU A 58 5.67 8.02 -3.62
C GLU A 58 4.25 7.69 -4.08
N ALA A 59 4.10 6.60 -4.81
CA ALA A 59 2.80 6.17 -5.32
C ALA A 59 1.86 5.84 -4.17
N LEU A 60 2.43 5.24 -3.13
CA LEU A 60 1.71 4.93 -1.90
C LEU A 60 1.04 6.18 -1.35
N GLU A 61 1.76 7.27 -1.37
CA GLU A 61 1.24 8.55 -0.92
C GLU A 61 0.25 9.11 -1.93
N LEU A 62 0.71 9.27 -3.17
CA LEU A 62 -0.06 9.91 -4.23
C LEU A 62 -1.41 9.26 -4.46
N ALA A 63 -1.47 7.93 -4.41
CA ALA A 63 -2.72 7.21 -4.64
C ALA A 63 -3.89 7.84 -3.87
N GLU A 64 -3.66 8.04 -2.58
CA GLU A 64 -4.61 8.73 -1.74
C GLU A 64 -4.46 10.25 -1.87
N TRP A 65 -3.24 10.72 -1.59
CA TRP A 65 -2.96 12.14 -1.42
C TRP A 65 -3.30 12.96 -2.67
N GLN A 66 -3.26 12.33 -3.82
CA GLN A 66 -3.57 13.01 -5.08
C GLN A 66 -5.07 13.07 -5.33
N TYR A 67 -5.76 11.97 -5.04
CA TYR A 67 -7.17 11.84 -5.41
C TYR A 67 -8.13 12.35 -4.34
N VAL A 68 -7.71 12.36 -3.08
CA VAL A 68 -8.59 12.81 -2.01
C VAL A 68 -8.93 14.32 -2.10
N PRO A 69 -8.00 15.22 -2.52
CA PRO A 69 -8.33 16.65 -2.68
C PRO A 69 -9.20 16.90 -3.90
N ALA A 70 -9.44 15.86 -4.67
CA ALA A 70 -10.29 15.95 -5.84
C ALA A 70 -11.70 15.49 -5.51
N GLY A 71 -11.92 15.14 -4.24
CA GLY A 71 -13.23 14.72 -3.80
C GLY A 71 -13.45 13.23 -3.99
N PHE A 72 -12.37 12.48 -4.01
CA PHE A 72 -12.43 11.04 -4.17
C PHE A 72 -11.89 10.35 -2.93
N GLU A 73 -12.35 9.14 -2.67
CA GLU A 73 -11.83 8.34 -1.58
C GLU A 73 -11.31 7.00 -2.10
N VAL A 74 -10.07 6.69 -1.77
CA VAL A 74 -9.49 5.41 -2.13
C VAL A 74 -10.15 4.31 -1.32
N THR A 75 -10.18 3.10 -1.86
CA THR A 75 -10.71 1.95 -1.14
C THR A 75 -9.61 0.95 -0.85
N ARG A 76 -8.79 0.68 -1.86
CA ARG A 76 -7.72 -0.28 -1.75
C ARG A 76 -6.71 -0.06 -2.86
N VAL A 77 -5.55 -0.70 -2.77
CA VAL A 77 -4.52 -0.56 -3.78
C VAL A 77 -3.89 -1.88 -4.13
N ARG A 78 -3.30 -1.96 -5.30
CA ARG A 78 -2.60 -3.15 -5.75
C ARG A 78 -1.28 -2.75 -6.42
N PRO A 79 -0.25 -2.47 -5.61
CA PRO A 79 1.06 -2.08 -6.12
C PRO A 79 1.84 -3.27 -6.65
N CYS A 80 2.34 -3.15 -7.87
CA CYS A 80 3.15 -4.21 -8.46
C CYS A 80 4.60 -3.77 -8.51
N VAL A 81 5.44 -4.41 -7.72
CA VAL A 81 6.86 -4.10 -7.68
C VAL A 81 7.53 -4.47 -9.00
N ALA A 82 7.87 -3.46 -9.78
CA ALA A 82 8.48 -3.68 -11.08
C ALA A 82 10.01 -3.60 -10.96
N PRO A 83 10.71 -4.70 -11.26
CA PRO A 83 12.16 -4.78 -11.12
C PRO A 83 12.90 -3.78 -12.00
N LYS A 84 12.29 -3.43 -13.13
CA LYS A 84 12.87 -2.44 -14.02
C LYS A 84 12.64 -1.05 -13.44
N PRO B 24 -1.01 -13.76 -1.51
CA PRO B 24 -0.58 -13.35 -0.16
C PRO B 24 -1.75 -13.35 0.81
N ALA B 25 -1.58 -14.05 1.92
CA ALA B 25 -2.58 -14.08 2.96
C ALA B 25 -2.26 -13.02 4.01
N ILE B 26 -2.57 -13.30 5.26
CA ILE B 26 -2.27 -12.38 6.35
C ILE B 26 -0.78 -12.51 6.70
N LEU B 27 0.07 -11.93 5.86
CA LEU B 27 1.50 -12.10 5.98
C LEU B 27 2.26 -10.86 5.55
N ALA B 28 3.55 -10.84 5.83
CA ALA B 28 4.43 -9.78 5.36
C ALA B 28 5.22 -10.27 4.15
N GLU B 29 5.34 -9.41 3.13
CA GLU B 29 6.05 -9.77 1.90
C GLU B 29 7.55 -9.81 2.12
N ILE B 30 7.99 -9.24 3.23
CA ILE B 30 9.40 -9.21 3.58
C ILE B 30 9.55 -9.29 5.09
N SER B 31 10.70 -9.75 5.56
CA SER B 31 10.95 -9.80 6.98
C SER B 31 11.55 -8.48 7.44
N GLY B 32 11.07 -8.03 8.57
CA GLY B 32 11.54 -6.79 9.13
C GLY B 32 10.56 -6.23 10.13
N ILE B 33 10.59 -4.93 10.31
CA ILE B 33 9.71 -4.25 11.22
C ILE B 33 8.55 -3.61 10.47
N VAL B 34 7.37 -4.18 10.60
CA VAL B 34 6.19 -3.63 9.94
C VAL B 34 5.65 -2.44 10.72
N SER B 35 5.42 -1.35 10.02
CA SER B 35 4.88 -0.15 10.63
C SER B 35 3.73 0.39 9.81
N PHE B 36 3.05 1.39 10.34
CA PHE B 36 1.90 1.96 9.66
C PHE B 36 2.03 3.48 9.59
N GLY B 37 1.53 4.05 8.51
CA GLY B 37 1.60 5.50 8.34
C GLY B 37 0.23 6.10 8.15
N LYS B 38 0.20 7.33 7.64
CA LYS B 38 -1.04 8.09 7.49
C LYS B 38 -2.08 7.32 6.68
N GLU B 39 -3.33 7.44 7.08
CA GLU B 39 -4.42 6.77 6.39
C GLU B 39 -5.56 7.74 6.08
N THR B 40 -6.42 7.37 5.14
CA THR B 40 -7.53 8.21 4.74
C THR B 40 -8.55 8.36 5.87
N LYS B 41 -9.37 7.34 6.04
CA LYS B 41 -10.30 7.27 7.16
C LYS B 41 -10.31 5.85 7.70
N GLY B 42 -10.80 4.93 6.87
CA GLY B 42 -10.81 3.54 7.24
C GLY B 42 -9.67 2.77 6.62
N LYS B 43 -8.49 3.38 6.58
CA LYS B 43 -7.33 2.75 5.98
C LYS B 43 -6.20 2.63 6.99
N ARG B 44 -5.08 2.06 6.56
CA ARG B 44 -3.89 1.98 7.37
C ARG B 44 -2.67 1.75 6.47
N ARG B 45 -1.76 2.73 6.43
CA ARG B 45 -0.65 2.67 5.49
C ARG B 45 0.39 1.64 5.91
N LEU B 46 0.35 0.47 5.29
CA LEU B 46 1.30 -0.59 5.59
C LEU B 46 2.67 -0.25 5.03
N VAL B 47 3.64 -0.05 5.92
CA VAL B 47 5.01 0.18 5.51
C VAL B 47 5.95 -0.76 6.26
N ILE B 48 6.41 -1.79 5.58
CA ILE B 48 7.29 -2.76 6.21
C ILE B 48 8.74 -2.34 6.05
N THR B 49 9.47 -2.42 7.15
CA THR B 49 10.88 -2.05 7.15
C THR B 49 11.75 -3.29 7.07
N PRO B 50 12.23 -3.65 5.86
CA PRO B 50 13.03 -4.86 5.65
C PRO B 50 14.33 -4.84 6.42
N VAL B 51 14.57 -5.89 7.19
CA VAL B 51 15.82 -6.04 7.91
C VAL B 51 16.73 -7.02 7.17
N ASP B 52 16.14 -7.69 6.19
CA ASP B 52 16.87 -8.68 5.41
C ASP B 52 16.35 -8.71 3.97
N GLY B 53 17.10 -8.12 3.06
CA GLY B 53 16.78 -8.19 1.66
C GLY B 53 16.86 -6.85 0.97
N SER B 54 16.64 -5.77 1.73
CA SER B 54 16.65 -4.42 1.20
C SER B 54 15.67 -4.26 0.04
N ASP B 55 14.51 -4.88 0.18
CA ASP B 55 13.46 -4.79 -0.82
C ASP B 55 12.21 -4.18 -0.19
N PRO B 56 12.12 -2.83 -0.17
CA PRO B 56 11.04 -2.11 0.49
C PRO B 56 9.67 -2.48 -0.05
N TYR B 57 8.74 -2.76 0.85
CA TYR B 57 7.38 -3.11 0.46
C TYR B 57 6.38 -2.30 1.25
N GLU B 58 5.70 -1.40 0.56
CA GLU B 58 4.69 -0.56 1.17
C GLU B 58 3.36 -0.76 0.43
N GLU B 59 2.26 -0.72 1.16
CA GLU B 59 0.94 -0.89 0.56
C GLU B 59 -0.12 -0.19 1.39
N MET B 60 -1.07 0.46 0.72
CA MET B 60 -2.17 1.12 1.39
C MET B 60 -3.28 0.11 1.67
N ILE B 61 -3.21 -0.52 2.83
CA ILE B 61 -4.16 -1.55 3.20
C ILE B 61 -5.25 -0.96 4.08
N PRO B 62 -6.51 -1.29 3.80
CA PRO B 62 -7.64 -0.79 4.58
C PRO B 62 -7.63 -1.26 6.04
N LYS B 63 -8.20 -0.44 6.90
CA LYS B 63 -8.20 -0.67 8.35
C LYS B 63 -9.10 -1.84 8.70
N TRP B 64 -9.92 -2.26 7.74
CA TRP B 64 -10.88 -3.34 7.96
C TRP B 64 -10.28 -4.68 7.56
N ARG B 65 -9.05 -4.64 7.08
CA ARG B 65 -8.34 -5.84 6.66
C ARG B 65 -7.57 -6.42 7.84
N GLN B 66 -7.60 -7.74 7.96
CA GLN B 66 -6.83 -8.43 8.98
C GLN B 66 -5.35 -8.30 8.66
N LEU B 67 -4.67 -7.48 9.43
CA LEU B 67 -3.27 -7.20 9.19
C LEU B 67 -2.37 -8.21 9.89
N ASN B 68 -1.12 -8.26 9.48
CA ASN B 68 -0.18 -9.23 10.01
C ASN B 68 0.05 -9.02 11.51
N VAL B 69 0.35 -7.79 11.91
CA VAL B 69 0.56 -7.47 13.31
C VAL B 69 0.59 -5.95 13.46
N PHE B 70 0.85 -5.44 14.67
CA PHE B 70 0.85 -4.01 14.92
C PHE B 70 2.13 -3.36 14.40
N GLU B 71 2.19 -2.04 14.47
CA GLU B 71 3.31 -1.29 13.92
C GLU B 71 4.51 -1.30 14.86
N GLY B 72 5.70 -1.33 14.27
CA GLY B 72 6.93 -1.38 15.02
C GLY B 72 7.23 -2.79 15.51
N GLU B 73 6.55 -3.75 14.90
CA GLU B 73 6.68 -5.14 15.27
C GLU B 73 7.54 -5.89 14.26
N ARG B 74 8.27 -6.87 14.75
CA ARG B 74 9.16 -7.67 13.94
C ARG B 74 8.42 -8.88 13.36
N VAL B 75 8.47 -9.02 12.04
CA VAL B 75 7.83 -10.14 11.36
C VAL B 75 8.76 -10.72 10.31
N GLU B 76 8.34 -11.82 9.70
CA GLU B 76 9.12 -12.48 8.66
C GLU B 76 8.26 -12.68 7.42
N ARG B 77 8.88 -12.95 6.28
CA ARG B 77 8.16 -13.11 5.03
C ARG B 77 7.25 -14.33 5.07
N GLY B 78 5.95 -14.10 5.03
CA GLY B 78 5.00 -15.19 5.04
C GLY B 78 4.64 -15.63 6.44
N ASP B 79 5.64 -15.72 7.30
CA ASP B 79 5.45 -16.19 8.67
C ASP B 79 5.00 -15.07 9.59
N VAL B 80 3.75 -15.17 10.03
CA VAL B 80 3.21 -14.27 11.05
C VAL B 80 1.80 -14.71 11.46
N ILE B 81 0.87 -14.72 10.52
CA ILE B 81 -0.50 -15.16 10.81
C ILE B 81 -0.87 -16.34 9.92
N SER B 82 -0.65 -16.19 8.62
CA SER B 82 -0.97 -17.23 7.67
C SER B 82 -0.27 -16.99 6.36
N ASP B 83 0.37 -18.03 5.85
CA ASP B 83 1.01 -17.96 4.55
C ASP B 83 0.02 -18.37 3.47
N GLY B 84 0.13 -17.74 2.32
CA GLY B 84 -0.76 -18.04 1.22
C GLY B 84 -0.87 -16.84 0.31
N THR A 26 -6.01 20.12 -7.83
CA THR A 26 -6.58 18.91 -7.20
C THR A 26 -5.58 17.76 -7.24
N GLY A 27 -5.08 17.44 -8.44
CA GLY A 27 -4.12 16.37 -8.58
C GLY A 27 -3.58 16.30 -9.98
N SER A 28 -2.26 16.29 -10.11
CA SER A 28 -1.62 16.22 -11.41
C SER A 28 -1.11 14.82 -11.69
N LEU A 29 -0.51 14.64 -12.86
CA LEU A 29 0.01 13.35 -13.27
C LEU A 29 1.53 13.33 -13.20
N SER A 30 2.06 12.48 -12.33
CA SER A 30 3.49 12.34 -12.20
C SER A 30 4.03 11.34 -13.22
N VAL A 31 5.28 10.93 -13.08
CA VAL A 31 5.88 9.95 -13.97
C VAL A 31 5.22 8.58 -13.78
N ASP A 32 5.18 7.78 -14.83
CA ASP A 32 4.47 6.50 -14.79
C ASP A 32 5.38 5.34 -15.14
N ASN A 33 6.56 5.30 -14.53
CA ASN A 33 7.52 4.23 -14.81
C ASN A 33 7.10 2.94 -14.12
N LYS A 34 6.51 3.06 -12.93
CA LYS A 34 5.95 1.91 -12.24
C LYS A 34 4.44 1.87 -12.45
N LYS A 35 3.82 0.75 -12.11
CA LYS A 35 2.38 0.59 -12.26
C LYS A 35 1.72 0.33 -10.90
N PHE A 36 0.77 1.19 -10.55
CA PHE A 36 0.05 1.06 -9.30
C PHE A 36 -1.44 1.29 -9.54
N TRP A 37 -2.28 0.40 -9.06
CA TRP A 37 -3.72 0.52 -9.29
C TRP A 37 -4.45 0.84 -7.99
N ALA A 38 -4.94 2.07 -7.89
CA ALA A 38 -5.70 2.52 -6.72
C ALA A 38 -7.18 2.26 -6.93
N THR A 39 -7.69 1.27 -6.23
CA THR A 39 -9.11 0.96 -6.27
C THR A 39 -9.88 1.97 -5.42
N VAL A 40 -10.41 3.00 -6.07
CA VAL A 40 -11.11 4.06 -5.37
C VAL A 40 -12.61 3.90 -5.53
N GLU A 41 -13.36 4.41 -4.58
CA GLU A 41 -14.81 4.35 -4.64
C GLU A 41 -15.38 5.74 -4.83
N SER A 42 -15.92 6.00 -5.99
CA SER A 42 -16.52 7.29 -6.27
C SER A 42 -18.02 7.24 -5.96
N SER A 43 -18.71 8.34 -6.17
CA SER A 43 -20.12 8.44 -5.80
C SER A 43 -20.98 7.45 -6.59
N GLU A 44 -20.70 7.32 -7.87
CA GLU A 44 -21.51 6.50 -8.76
C GLU A 44 -20.97 5.08 -8.85
N HIS A 45 -19.66 4.96 -9.05
CA HIS A 45 -19.04 3.66 -9.29
C HIS A 45 -17.60 3.65 -8.76
N SER A 46 -17.19 2.50 -8.20
CA SER A 46 -15.82 2.33 -7.76
C SER A 46 -14.96 1.75 -8.89
N PHE A 47 -13.74 2.23 -9.02
CA PHE A 47 -12.88 1.85 -10.13
C PHE A 47 -11.41 1.91 -9.73
N GLU A 48 -10.55 1.27 -10.51
CA GLU A 48 -9.13 1.28 -10.24
C GLU A 48 -8.44 2.34 -11.10
N VAL A 49 -7.84 3.32 -10.45
CA VAL A 49 -7.14 4.38 -11.13
C VAL A 49 -5.64 4.28 -10.87
N PRO A 50 -4.83 4.32 -11.93
CA PRO A 50 -3.37 4.22 -11.81
C PRO A 50 -2.75 5.35 -11.01
N ILE A 51 -1.75 5.02 -10.21
CA ILE A 51 -1.04 6.02 -9.43
C ILE A 51 0.31 6.27 -10.08
N TYR A 52 0.66 7.53 -10.21
CA TYR A 52 1.87 7.90 -10.92
C TYR A 52 2.93 8.41 -9.97
N ALA A 53 4.00 7.65 -9.83
CA ALA A 53 5.13 8.05 -9.01
C ALA A 53 6.39 7.37 -9.48
N GLU A 54 7.53 7.85 -9.00
CA GLU A 54 8.81 7.23 -9.33
C GLU A 54 8.98 5.91 -8.59
N THR A 55 8.85 5.94 -7.28
CA THR A 55 9.10 4.78 -6.44
C THR A 55 7.85 4.39 -5.65
N LEU A 56 7.81 3.15 -5.17
CA LEU A 56 6.64 2.63 -4.46
C LEU A 56 6.25 3.50 -3.27
N ASP A 57 7.21 3.83 -2.42
CA ASP A 57 6.95 4.65 -1.23
C ASP A 57 6.38 6.01 -1.63
N GLU A 58 6.84 6.52 -2.78
CA GLU A 58 6.38 7.79 -3.30
C GLU A 58 4.91 7.69 -3.75
N ALA A 59 4.59 6.56 -4.37
CA ALA A 59 3.26 6.32 -4.89
C ALA A 59 2.25 6.20 -3.76
N LEU A 60 2.65 5.51 -2.71
CA LEU A 60 1.79 5.28 -1.56
C LEU A 60 1.32 6.60 -0.95
N GLU A 61 2.23 7.55 -0.84
CA GLU A 61 1.90 8.86 -0.32
C GLU A 61 0.87 9.56 -1.20
N LEU A 62 1.13 9.57 -2.50
CA LEU A 62 0.26 10.28 -3.44
C LEU A 62 -1.08 9.58 -3.63
N ALA A 63 -1.07 8.25 -3.60
CA ALA A 63 -2.27 7.47 -3.86
C ALA A 63 -3.45 7.95 -3.01
N GLU A 64 -3.23 8.02 -1.71
CA GLU A 64 -4.26 8.55 -0.82
C GLU A 64 -4.24 10.08 -0.82
N TRP A 65 -3.11 10.66 -0.43
CA TRP A 65 -3.02 12.08 -0.12
C TRP A 65 -3.35 12.98 -1.32
N GLN A 66 -2.97 12.54 -2.52
CA GLN A 66 -3.17 13.35 -3.72
C GLN A 66 -4.58 13.16 -4.28
N TYR A 67 -5.17 12.01 -3.99
CA TYR A 67 -6.44 11.64 -4.59
C TYR A 67 -7.65 12.00 -3.73
N VAL A 68 -7.50 11.91 -2.42
CA VAL A 68 -8.62 12.16 -1.51
C VAL A 68 -9.16 13.61 -1.60
N PRO A 69 -8.33 14.66 -1.81
CA PRO A 69 -8.84 16.03 -1.96
C PRO A 69 -9.41 16.27 -3.35
N ALA A 70 -9.07 15.37 -4.27
CA ALA A 70 -9.53 15.48 -5.65
C ALA A 70 -10.91 14.83 -5.80
N GLY A 71 -11.34 14.14 -4.75
CA GLY A 71 -12.67 13.54 -4.77
C GLY A 71 -12.64 12.05 -5.00
N PHE A 72 -11.53 11.41 -4.65
CA PHE A 72 -11.40 9.97 -4.79
C PHE A 72 -11.28 9.32 -3.42
N GLU A 73 -12.33 8.64 -2.99
CA GLU A 73 -12.28 7.91 -1.73
C GLU A 73 -11.65 6.55 -1.96
N VAL A 74 -10.35 6.47 -1.72
CA VAL A 74 -9.59 5.25 -1.93
C VAL A 74 -10.17 4.08 -1.12
N THR A 75 -10.28 2.93 -1.75
CA THR A 75 -10.78 1.73 -1.10
C THR A 75 -9.65 0.72 -0.93
N ARG A 76 -8.98 0.38 -2.03
CA ARG A 76 -7.85 -0.54 -1.97
C ARG A 76 -6.79 -0.11 -2.96
N VAL A 77 -5.70 -0.85 -3.02
CA VAL A 77 -4.65 -0.60 -3.99
C VAL A 77 -3.91 -1.90 -4.27
N ARG A 78 -3.38 -2.05 -5.47
CA ARG A 78 -2.61 -3.22 -5.79
C ARG A 78 -1.39 -2.85 -6.62
N PRO A 79 -0.25 -2.62 -5.96
CA PRO A 79 1.02 -2.38 -6.63
C PRO A 79 1.52 -3.61 -7.38
N CYS A 80 2.48 -3.41 -8.27
CA CYS A 80 3.08 -4.52 -9.01
C CYS A 80 3.87 -5.41 -8.06
N VAL A 81 3.20 -6.41 -7.50
CA VAL A 81 3.79 -7.27 -6.50
C VAL A 81 4.69 -8.34 -7.15
N ALA A 82 5.88 -7.91 -7.54
CA ALA A 82 6.91 -8.82 -8.03
C ALA A 82 8.21 -8.58 -7.28
N PRO A 83 8.28 -9.04 -6.01
CA PRO A 83 9.44 -8.80 -5.15
C PRO A 83 10.60 -9.72 -5.49
N LYS A 84 11.45 -9.25 -6.40
CA LYS A 84 12.65 -9.99 -6.79
C LYS A 84 13.69 -9.93 -5.69
N PRO B 24 0.13 -14.19 -1.60
CA PRO B 24 0.23 -13.44 -0.33
C PRO B 24 -1.12 -13.39 0.36
N ALA B 25 -1.14 -13.78 1.63
CA ALA B 25 -2.35 -13.73 2.43
C ALA B 25 -2.20 -12.70 3.55
N ILE B 26 -2.52 -13.09 4.77
CA ILE B 26 -2.34 -12.22 5.92
C ILE B 26 -0.90 -12.32 6.41
N LEU B 27 -0.01 -11.65 5.70
CA LEU B 27 1.42 -11.78 5.95
C LEU B 27 2.17 -10.53 5.53
N ALA B 28 3.46 -10.51 5.83
CA ALA B 28 4.35 -9.48 5.35
C ALA B 28 5.12 -10.00 4.15
N GLU B 29 5.14 -9.21 3.07
CA GLU B 29 5.77 -9.62 1.82
C GLU B 29 7.28 -9.76 1.98
N ILE B 30 7.81 -9.06 2.98
CA ILE B 30 9.24 -9.10 3.28
C ILE B 30 9.43 -9.12 4.79
N SER B 31 10.62 -9.43 5.24
CA SER B 31 10.88 -9.50 6.66
C SER B 31 11.52 -8.21 7.13
N GLY B 32 11.03 -7.76 8.27
CA GLY B 32 11.53 -6.54 8.85
C GLY B 32 10.58 -5.97 9.88
N ILE B 33 10.60 -4.66 10.02
CA ILE B 33 9.74 -3.96 10.95
C ILE B 33 8.61 -3.28 10.19
N VAL B 34 7.41 -3.80 10.32
CA VAL B 34 6.26 -3.21 9.64
C VAL B 34 5.68 -2.08 10.47
N SER B 35 5.42 -0.96 9.83
CA SER B 35 4.86 0.20 10.50
C SER B 35 3.69 0.75 9.71
N PHE B 36 2.95 1.67 10.32
CA PHE B 36 1.79 2.24 9.67
C PHE B 36 1.85 3.76 9.70
N GLY B 37 1.63 4.35 8.54
CA GLY B 37 1.67 5.79 8.42
C GLY B 37 0.27 6.39 8.29
N LYS B 38 0.22 7.67 7.92
CA LYS B 38 -1.04 8.42 7.87
C LYS B 38 -2.08 7.72 7.00
N GLU B 39 -3.31 7.68 7.51
CA GLU B 39 -4.41 7.10 6.78
C GLU B 39 -5.63 8.02 6.79
N THR B 40 -6.56 7.79 5.87
CA THR B 40 -7.80 8.56 5.83
C THR B 40 -8.72 8.23 7.00
N LYS B 41 -9.52 7.17 6.86
CA LYS B 41 -10.45 6.76 7.90
C LYS B 41 -10.32 5.27 8.16
N GLY B 42 -10.81 4.47 7.23
CA GLY B 42 -10.71 3.03 7.34
C GLY B 42 -9.48 2.51 6.63
N LYS B 43 -8.48 3.35 6.52
CA LYS B 43 -7.27 2.98 5.83
C LYS B 43 -6.13 2.81 6.80
N ARG B 44 -5.00 2.37 6.31
CA ARG B 44 -3.81 2.19 7.10
C ARG B 44 -2.58 2.13 6.19
N ARG B 45 -1.65 3.07 6.34
CA ARG B 45 -0.50 3.10 5.43
C ARG B 45 0.51 2.02 5.79
N LEU B 46 0.45 0.91 5.08
CA LEU B 46 1.33 -0.23 5.34
C LEU B 46 2.73 0.02 4.79
N VAL B 47 3.68 0.22 5.68
CA VAL B 47 5.07 0.38 5.27
C VAL B 47 5.96 -0.62 5.99
N ILE B 48 6.39 -1.65 5.27
CA ILE B 48 7.24 -2.69 5.84
C ILE B 48 8.70 -2.32 5.67
N THR B 49 9.40 -2.16 6.78
CA THR B 49 10.81 -1.80 6.75
C THR B 49 11.68 -3.06 6.78
N PRO B 50 12.18 -3.48 5.60
CA PRO B 50 12.95 -4.72 5.47
C PRO B 50 14.28 -4.70 6.21
N VAL B 51 14.61 -5.82 6.84
CA VAL B 51 15.86 -5.94 7.58
C VAL B 51 16.74 -7.05 7.00
N ASP B 52 16.15 -7.86 6.12
CA ASP B 52 16.88 -8.97 5.51
C ASP B 52 17.29 -8.61 4.09
N GLY B 53 16.32 -8.41 3.22
CA GLY B 53 16.61 -7.99 1.87
C GLY B 53 16.23 -6.54 1.66
N SER B 54 17.10 -5.77 1.02
CA SER B 54 16.86 -4.35 0.82
C SER B 54 15.87 -4.10 -0.32
N ASP B 55 14.64 -4.56 -0.12
CA ASP B 55 13.58 -4.38 -1.11
C ASP B 55 12.31 -3.93 -0.44
N PRO B 56 12.13 -2.60 -0.28
CA PRO B 56 10.97 -2.02 0.41
C PRO B 56 9.64 -2.47 -0.19
N TYR B 57 8.65 -2.63 0.68
CA TYR B 57 7.31 -3.00 0.25
C TYR B 57 6.29 -2.17 1.02
N GLU B 58 5.64 -1.27 0.32
CA GLU B 58 4.67 -0.37 0.92
C GLU B 58 3.37 -0.41 0.11
N GLU B 59 2.23 -0.28 0.79
CA GLU B 59 0.95 -0.20 0.10
C GLU B 59 -0.12 0.43 0.99
N MET B 60 -1.23 0.78 0.38
CA MET B 60 -2.34 1.43 1.06
C MET B 60 -3.31 0.36 1.59
N ILE B 61 -2.91 -0.29 2.67
CA ILE B 61 -3.68 -1.39 3.21
C ILE B 61 -4.88 -0.82 3.99
N PRO B 62 -6.03 -1.48 3.94
CA PRO B 62 -7.20 -1.06 4.68
C PRO B 62 -7.20 -1.53 6.13
N LYS B 63 -7.97 -0.82 6.95
CA LYS B 63 -8.10 -1.14 8.36
C LYS B 63 -9.12 -2.26 8.55
N TRP B 64 -9.96 -2.45 7.54
CA TRP B 64 -10.94 -3.52 7.54
C TRP B 64 -10.31 -4.80 6.99
N ARG B 65 -9.05 -4.68 6.60
CA ARG B 65 -8.25 -5.83 6.21
C ARG B 65 -7.75 -6.54 7.45
N GLN B 66 -7.66 -7.86 7.39
CA GLN B 66 -7.00 -8.61 8.43
C GLN B 66 -5.51 -8.32 8.36
N LEU B 67 -5.03 -7.59 9.35
CA LEU B 67 -3.66 -7.10 9.35
C LEU B 67 -2.71 -8.14 9.89
N ASN B 68 -1.44 -8.02 9.52
CA ASN B 68 -0.43 -8.99 9.93
C ASN B 68 -0.05 -8.76 11.39
N VAL B 69 0.19 -7.51 11.77
CA VAL B 69 0.55 -7.18 13.13
C VAL B 69 0.48 -5.66 13.32
N PHE B 70 0.82 -5.18 14.50
CA PHE B 70 0.81 -3.75 14.78
C PHE B 70 2.05 -3.07 14.20
N GLU B 71 2.12 -1.75 14.34
CA GLU B 71 3.22 -0.99 13.77
C GLU B 71 4.47 -1.05 14.65
N GLY B 72 5.63 -1.02 14.00
CA GLY B 72 6.90 -1.10 14.70
C GLY B 72 7.15 -2.49 15.23
N GLU B 73 6.58 -3.47 14.55
CA GLU B 73 6.65 -4.85 14.97
C GLU B 73 7.52 -5.66 14.01
N ARG B 74 8.28 -6.59 14.57
CA ARG B 74 9.23 -7.39 13.80
C ARG B 74 8.57 -8.64 13.24
N VAL B 75 8.54 -8.74 11.92
CA VAL B 75 7.90 -9.86 11.24
C VAL B 75 8.81 -10.45 10.17
N GLU B 76 8.38 -11.57 9.61
CA GLU B 76 9.13 -12.25 8.56
C GLU B 76 8.22 -12.41 7.33
N ARG B 77 8.83 -12.70 6.19
CA ARG B 77 8.08 -12.89 4.96
C ARG B 77 7.16 -14.10 5.07
N GLY B 78 5.86 -13.85 5.05
CA GLY B 78 4.89 -14.93 5.07
C GLY B 78 4.54 -15.38 6.48
N ASP B 79 5.54 -15.43 7.34
CA ASP B 79 5.33 -15.92 8.69
C ASP B 79 4.85 -14.82 9.61
N VAL B 80 3.59 -14.93 10.04
CA VAL B 80 3.00 -14.01 11.00
C VAL B 80 1.58 -14.46 11.38
N ILE B 81 0.65 -14.45 10.42
CA ILE B 81 -0.72 -14.88 10.70
C ILE B 81 -1.12 -16.03 9.79
N SER B 82 -0.94 -15.84 8.49
CA SER B 82 -1.29 -16.85 7.52
C SER B 82 -0.48 -16.65 6.25
N ASP B 83 0.27 -17.67 5.88
CA ASP B 83 1.11 -17.61 4.71
C ASP B 83 0.42 -18.28 3.54
N GLY B 84 0.64 -17.73 2.36
CA GLY B 84 0.05 -18.27 1.17
C GLY B 84 0.42 -17.45 -0.04
N THR A 26 -1.06 18.55 -7.67
CA THR A 26 -0.72 17.13 -7.92
C THR A 26 -1.98 16.32 -8.21
N GLY A 27 -2.15 15.94 -9.47
CA GLY A 27 -3.31 15.16 -9.84
C GLY A 27 -3.42 14.99 -11.34
N SER A 28 -2.37 14.48 -11.96
CA SER A 28 -2.34 14.30 -13.39
C SER A 28 -1.38 13.19 -13.79
N LEU A 29 -0.10 13.53 -13.85
CA LEU A 29 0.92 12.58 -14.32
C LEU A 29 2.31 13.09 -13.98
N SER A 30 3.11 12.24 -13.36
CA SER A 30 4.52 12.53 -13.16
C SER A 30 5.36 11.62 -14.05
N VAL A 31 5.27 10.32 -13.80
CA VAL A 31 5.96 9.33 -14.62
C VAL A 31 5.24 7.98 -14.49
N ASP A 32 4.97 7.34 -15.63
CA ASP A 32 4.21 6.10 -15.65
C ASP A 32 5.13 4.88 -15.80
N ASN A 33 6.40 5.09 -15.47
CA ASN A 33 7.42 4.04 -15.51
C ASN A 33 6.97 2.77 -14.79
N LYS A 34 6.44 2.91 -13.59
CA LYS A 34 6.00 1.76 -12.81
C LYS A 34 4.51 1.54 -12.97
N LYS A 35 4.03 0.37 -12.58
CA LYS A 35 2.62 0.04 -12.68
C LYS A 35 1.99 -0.04 -11.30
N PHE A 36 1.55 1.09 -10.78
CA PHE A 36 0.87 1.11 -9.50
C PHE A 36 -0.63 1.26 -9.72
N TRP A 37 -1.43 0.57 -8.92
CA TRP A 37 -2.88 0.62 -9.08
C TRP A 37 -3.57 0.98 -7.77
N ALA A 38 -4.55 1.88 -7.86
CA ALA A 38 -5.33 2.29 -6.69
C ALA A 38 -6.82 2.14 -6.96
N THR A 39 -7.48 1.36 -6.12
CA THR A 39 -8.92 1.23 -6.17
C THR A 39 -9.57 2.36 -5.39
N VAL A 40 -10.38 3.16 -6.05
CA VAL A 40 -11.05 4.28 -5.41
C VAL A 40 -12.55 4.13 -5.45
N GLU A 41 -13.22 4.73 -4.47
CA GLU A 41 -14.67 4.85 -4.51
C GLU A 41 -15.04 6.31 -4.35
N SER A 42 -15.70 6.84 -5.36
CA SER A 42 -16.14 8.22 -5.36
C SER A 42 -17.49 8.32 -4.65
N SER A 43 -18.21 9.41 -4.92
CA SER A 43 -19.52 9.63 -4.34
C SER A 43 -20.41 8.40 -4.49
N GLU A 44 -20.32 7.73 -5.63
CA GLU A 44 -21.07 6.50 -5.84
C GLU A 44 -20.23 5.45 -6.58
N HIS A 45 -19.62 5.86 -7.68
CA HIS A 45 -18.88 4.94 -8.54
C HIS A 45 -17.54 4.55 -7.91
N SER A 46 -17.02 3.40 -8.33
CA SER A 46 -15.75 2.90 -7.84
C SER A 46 -14.99 2.22 -8.98
N PHE A 47 -13.66 2.33 -8.97
CA PHE A 47 -12.85 1.77 -10.04
C PHE A 47 -11.38 1.69 -9.64
N GLU A 48 -10.59 0.98 -10.44
CA GLU A 48 -9.16 0.87 -10.21
C GLU A 48 -8.42 1.77 -11.18
N VAL A 49 -7.68 2.73 -10.65
CA VAL A 49 -6.99 3.71 -11.47
C VAL A 49 -5.47 3.62 -11.27
N PRO A 50 -4.70 3.67 -12.37
CA PRO A 50 -3.23 3.63 -12.31
C PRO A 50 -2.65 4.81 -11.54
N ILE A 51 -1.62 4.53 -10.75
CA ILE A 51 -0.91 5.55 -10.01
C ILE A 51 0.43 5.81 -10.65
N TYR A 52 0.73 7.06 -10.90
CA TYR A 52 1.97 7.41 -11.55
C TYR A 52 2.96 7.97 -10.54
N ALA A 53 4.01 7.20 -10.29
CA ALA A 53 5.04 7.59 -9.34
C ALA A 53 6.35 6.92 -9.67
N GLU A 54 7.40 7.29 -8.94
CA GLU A 54 8.72 6.73 -9.17
C GLU A 54 8.94 5.51 -8.26
N THR A 55 8.73 5.72 -6.97
CA THR A 55 9.06 4.73 -5.96
C THR A 55 7.79 4.17 -5.30
N LEU A 56 7.91 3.04 -4.62
CA LEU A 56 6.78 2.42 -3.92
C LEU A 56 6.11 3.39 -2.95
N ASP A 57 6.88 3.85 -1.97
CA ASP A 57 6.38 4.76 -0.95
C ASP A 57 5.88 6.07 -1.57
N GLU A 58 6.53 6.47 -2.66
CA GLU A 58 6.10 7.65 -3.43
C GLU A 58 4.67 7.47 -3.92
N ALA A 59 4.39 6.28 -4.45
CA ALA A 59 3.06 5.97 -4.96
C ALA A 59 2.07 5.84 -3.82
N LEU A 60 2.52 5.26 -2.72
CA LEU A 60 1.68 5.03 -1.55
C LEU A 60 1.05 6.32 -1.05
N GLU A 61 1.85 7.38 -0.89
CA GLU A 61 1.32 8.62 -0.40
C GLU A 61 0.42 9.29 -1.44
N LEU A 62 0.84 9.22 -2.71
CA LEU A 62 0.10 9.87 -3.79
C LEU A 62 -1.25 9.20 -4.05
N ALA A 63 -1.26 7.89 -4.09
CA ALA A 63 -2.49 7.14 -4.39
C ALA A 63 -3.68 7.69 -3.61
N GLU A 64 -3.45 7.92 -2.33
CA GLU A 64 -4.44 8.54 -1.49
C GLU A 64 -4.44 10.06 -1.64
N TRP A 65 -3.34 10.69 -1.27
CA TRP A 65 -3.27 12.14 -1.10
C TRP A 65 -3.52 12.91 -2.40
N GLN A 66 -3.28 12.26 -3.53
CA GLN A 66 -3.48 12.89 -4.83
C GLN A 66 -4.95 12.83 -5.25
N TYR A 67 -5.63 11.74 -4.88
CA TYR A 67 -6.99 11.50 -5.34
C TYR A 67 -8.04 11.99 -4.36
N VAL A 68 -7.75 11.92 -3.06
CA VAL A 68 -8.73 12.28 -2.05
C VAL A 68 -9.18 13.76 -2.10
N PRO A 69 -8.31 14.74 -2.47
CA PRO A 69 -8.75 16.14 -2.60
C PRO A 69 -9.75 16.33 -3.73
N ALA A 70 -9.84 15.33 -4.61
CA ALA A 70 -10.77 15.38 -5.72
C ALA A 70 -12.05 14.62 -5.39
N GLY A 71 -12.16 14.17 -4.14
CA GLY A 71 -13.34 13.47 -3.70
C GLY A 71 -13.23 11.97 -3.94
N PHE A 72 -12.05 11.51 -4.30
CA PHE A 72 -11.83 10.10 -4.56
C PHE A 72 -11.19 9.41 -3.36
N GLU A 73 -12.02 8.88 -2.47
CA GLU A 73 -11.49 8.14 -1.35
C GLU A 73 -11.10 6.74 -1.80
N VAL A 74 -9.81 6.48 -1.78
CA VAL A 74 -9.27 5.17 -2.07
C VAL A 74 -9.88 4.12 -1.13
N THR A 75 -9.96 2.89 -1.60
CA THR A 75 -10.44 1.78 -0.79
C THR A 75 -9.36 0.72 -0.63
N ARG A 76 -8.85 0.24 -1.75
CA ARG A 76 -7.78 -0.75 -1.76
C ARG A 76 -6.76 -0.40 -2.83
N VAL A 77 -5.56 -0.97 -2.76
CA VAL A 77 -4.55 -0.72 -3.79
C VAL A 77 -3.78 -2.00 -4.10
N ARG A 78 -3.18 -2.04 -5.29
CA ARG A 78 -2.29 -3.12 -5.67
C ARG A 78 -1.14 -2.58 -6.51
N PRO A 79 -0.03 -2.19 -5.85
CA PRO A 79 1.16 -1.71 -6.53
C PRO A 79 1.98 -2.86 -7.12
N CYS A 80 2.30 -2.77 -8.39
CA CYS A 80 3.13 -3.77 -9.05
C CYS A 80 4.56 -3.27 -9.17
N VAL A 81 5.45 -3.87 -8.41
CA VAL A 81 6.85 -3.48 -8.38
C VAL A 81 7.54 -3.90 -9.68
N ALA A 82 8.23 -2.96 -10.31
CA ALA A 82 8.89 -3.23 -11.57
C ALA A 82 10.37 -2.83 -11.51
N PRO A 83 11.23 -3.74 -11.05
CA PRO A 83 12.68 -3.52 -11.02
C PRO A 83 13.27 -3.42 -12.43
N LYS A 84 12.83 -4.33 -13.29
CA LYS A 84 13.30 -4.38 -14.67
C LYS A 84 12.28 -5.12 -15.52
N PRO B 24 1.27 -14.20 -1.66
CA PRO B 24 1.08 -13.50 -0.37
C PRO B 24 -0.39 -13.45 0.00
N ALA B 25 -0.68 -13.44 1.30
CA ALA B 25 -2.06 -13.37 1.78
C ALA B 25 -2.18 -12.36 2.92
N ILE B 26 -2.05 -12.85 4.15
CA ILE B 26 -2.08 -11.98 5.33
C ILE B 26 -0.73 -12.05 6.00
N LEU B 27 0.23 -11.35 5.43
CA LEU B 27 1.61 -11.48 5.85
C LEU B 27 2.43 -10.26 5.47
N ALA B 28 3.66 -10.24 5.94
CA ALA B 28 4.63 -9.25 5.51
C ALA B 28 5.40 -9.81 4.32
N GLU B 29 5.30 -9.15 3.18
CA GLU B 29 5.90 -9.66 1.95
C GLU B 29 7.43 -9.56 2.02
N ILE B 30 7.91 -8.87 3.05
CA ILE B 30 9.33 -8.77 3.33
C ILE B 30 9.56 -8.86 4.83
N SER B 31 10.72 -9.38 5.21
CA SER B 31 11.04 -9.51 6.62
C SER B 31 11.57 -8.21 7.17
N GLY B 32 11.02 -7.81 8.29
CA GLY B 32 11.41 -6.57 8.90
C GLY B 32 10.41 -6.12 9.94
N ILE B 33 10.28 -4.82 10.08
CA ILE B 33 9.37 -4.23 11.05
C ILE B 33 8.15 -3.65 10.35
N VAL B 34 6.99 -4.22 10.61
CA VAL B 34 5.74 -3.69 10.09
C VAL B 34 5.45 -2.37 10.79
N SER B 35 5.24 -1.32 10.03
CA SER B 35 4.84 -0.06 10.62
C SER B 35 3.71 0.55 9.83
N PHE B 36 2.99 1.47 10.44
CA PHE B 36 1.86 2.09 9.81
C PHE B 36 1.98 3.61 9.86
N GLY B 37 1.27 4.26 8.96
CA GLY B 37 1.31 5.71 8.89
C GLY B 37 -0.04 6.30 8.57
N LYS B 38 -0.05 7.53 8.05
CA LYS B 38 -1.29 8.27 7.81
C LYS B 38 -2.25 7.46 6.95
N GLU B 39 -3.52 7.52 7.29
CA GLU B 39 -4.54 6.87 6.50
C GLU B 39 -5.70 7.80 6.20
N THR B 40 -6.49 7.46 5.19
CA THR B 40 -7.60 8.28 4.75
C THR B 40 -8.61 8.50 5.87
N LYS B 41 -9.29 7.44 6.25
CA LYS B 41 -10.28 7.47 7.30
C LYS B 41 -10.49 6.05 7.79
N GLY B 42 -10.77 5.16 6.85
CA GLY B 42 -10.87 3.75 7.16
C GLY B 42 -9.75 2.96 6.53
N LYS B 43 -8.58 3.57 6.44
CA LYS B 43 -7.43 2.93 5.82
C LYS B 43 -6.34 2.73 6.86
N ARG B 44 -5.19 2.24 6.44
CA ARG B 44 -4.02 2.15 7.30
C ARG B 44 -2.76 2.03 6.44
N ARG B 45 -1.84 2.98 6.56
CA ARG B 45 -0.66 3.00 5.69
C ARG B 45 0.31 1.88 6.05
N LEU B 46 0.34 0.84 5.23
CA LEU B 46 1.21 -0.31 5.47
C LEU B 46 2.61 -0.07 4.92
N VAL B 47 3.54 0.21 5.81
CA VAL B 47 4.93 0.40 5.44
C VAL B 47 5.82 -0.58 6.21
N ILE B 48 6.39 -1.55 5.52
CA ILE B 48 7.22 -2.54 6.17
C ILE B 48 8.68 -2.16 6.04
N THR B 49 9.36 -2.04 7.16
CA THR B 49 10.78 -1.71 7.18
C THR B 49 11.63 -2.99 7.16
N PRO B 50 12.14 -3.39 5.98
CA PRO B 50 12.91 -4.62 5.84
C PRO B 50 14.25 -4.55 6.59
N VAL B 51 14.51 -5.56 7.40
CA VAL B 51 15.76 -5.62 8.15
C VAL B 51 16.60 -6.81 7.69
N ASP B 52 15.93 -7.89 7.33
CA ASP B 52 16.61 -9.10 6.86
C ASP B 52 16.97 -8.94 5.39
N GLY B 53 16.06 -8.34 4.65
CA GLY B 53 16.32 -8.01 3.27
C GLY B 53 16.36 -6.51 3.08
N SER B 54 16.44 -6.06 1.84
CA SER B 54 16.48 -4.64 1.56
C SER B 54 15.60 -4.33 0.35
N ASP B 55 14.45 -5.00 0.31
CA ASP B 55 13.50 -4.80 -0.78
C ASP B 55 12.28 -4.04 -0.25
N PRO B 56 12.23 -2.72 -0.47
CA PRO B 56 11.14 -1.88 0.03
C PRO B 56 9.78 -2.32 -0.49
N TYR B 57 8.85 -2.53 0.42
CA TYR B 57 7.49 -2.90 0.07
C TYR B 57 6.50 -2.10 0.88
N GLU B 58 5.84 -1.16 0.21
CA GLU B 58 4.87 -0.30 0.85
C GLU B 58 3.57 -0.34 0.07
N GLU B 59 2.45 -0.30 0.77
CA GLU B 59 1.16 -0.24 0.12
C GLU B 59 0.11 0.35 1.05
N MET B 60 -1.04 0.65 0.50
CA MET B 60 -2.14 1.22 1.24
C MET B 60 -3.12 0.14 1.62
N ILE B 61 -2.95 -0.39 2.82
CA ILE B 61 -3.78 -1.48 3.28
C ILE B 61 -4.98 -0.92 4.05
N PRO B 62 -6.18 -1.44 3.82
CA PRO B 62 -7.38 -0.97 4.51
C PRO B 62 -7.43 -1.40 5.97
N LYS B 63 -8.11 -0.59 6.76
CA LYS B 63 -8.23 -0.79 8.20
C LYS B 63 -9.19 -1.95 8.47
N TRP B 64 -10.09 -2.18 7.51
CA TRP B 64 -11.09 -3.24 7.60
C TRP B 64 -10.53 -4.54 7.02
N ARG B 65 -9.32 -4.47 6.51
CA ARG B 65 -8.60 -5.62 6.03
C ARG B 65 -7.93 -6.33 7.20
N GLN B 66 -7.96 -7.65 7.22
CA GLN B 66 -7.24 -8.39 8.24
C GLN B 66 -5.75 -8.22 8.01
N LEU B 67 -5.10 -7.59 8.97
CA LEU B 67 -3.72 -7.17 8.81
C LEU B 67 -2.76 -8.21 9.37
N ASN B 68 -1.50 -8.07 9.02
CA ASN B 68 -0.47 -8.99 9.50
C ASN B 68 -0.22 -8.78 10.99
N VAL B 69 0.08 -7.55 11.37
CA VAL B 69 0.34 -7.24 12.76
C VAL B 69 0.38 -5.72 12.93
N PHE B 70 0.58 -5.24 14.16
CA PHE B 70 0.60 -3.81 14.43
C PHE B 70 1.92 -3.19 13.99
N GLU B 71 2.03 -1.88 14.17
CA GLU B 71 3.22 -1.16 13.75
C GLU B 71 4.34 -1.27 14.80
N GLY B 72 5.57 -1.25 14.31
CA GLY B 72 6.74 -1.42 15.15
C GLY B 72 6.92 -2.87 15.56
N GLU B 73 6.43 -3.78 14.73
CA GLU B 73 6.47 -5.20 15.02
C GLU B 73 7.44 -5.94 14.11
N ARG B 74 8.17 -6.88 14.68
CA ARG B 74 9.17 -7.64 13.94
C ARG B 74 8.60 -8.96 13.43
N VAL B 75 8.62 -9.12 12.11
CA VAL B 75 8.12 -10.33 11.45
C VAL B 75 9.00 -10.67 10.25
N GLU B 76 8.89 -11.91 9.78
CA GLU B 76 9.65 -12.34 8.60
C GLU B 76 8.71 -12.47 7.41
N ARG B 77 9.29 -12.47 6.21
CA ARG B 77 8.54 -12.59 4.98
C ARG B 77 7.65 -13.83 4.97
N GLY B 78 6.34 -13.61 4.98
CA GLY B 78 5.41 -14.70 4.88
C GLY B 78 4.86 -15.16 6.22
N ASP B 79 5.72 -15.19 7.23
CA ASP B 79 5.35 -15.72 8.53
C ASP B 79 4.78 -14.66 9.45
N VAL B 80 3.49 -14.77 9.78
CA VAL B 80 2.85 -13.90 10.75
C VAL B 80 1.39 -14.32 11.02
N ILE B 81 0.52 -14.30 10.00
CA ILE B 81 -0.87 -14.68 10.19
C ILE B 81 -1.27 -15.84 9.27
N SER B 82 -0.99 -15.68 7.98
CA SER B 82 -1.36 -16.68 7.00
C SER B 82 -0.49 -16.51 5.76
N ASP B 83 0.23 -17.57 5.41
CA ASP B 83 1.17 -17.52 4.31
C ASP B 83 0.63 -18.25 3.09
N GLY B 84 0.77 -17.61 1.95
CA GLY B 84 0.31 -18.18 0.70
C GLY B 84 0.65 -17.28 -0.46
N THR A 26 0.71 15.49 -10.58
CA THR A 26 0.92 14.41 -9.60
C THR A 26 -0.33 13.53 -9.47
N GLY A 27 -1.44 14.00 -10.02
CA GLY A 27 -2.71 13.32 -9.83
C GLY A 27 -2.95 12.18 -10.80
N SER A 28 -1.99 11.92 -11.70
CA SER A 28 -2.14 10.82 -12.63
C SER A 28 -0.79 10.21 -13.01
N LEU A 29 -0.13 10.79 -14.00
CA LEU A 29 1.09 10.21 -14.54
C LEU A 29 2.33 10.98 -14.11
N SER A 30 3.15 10.35 -13.30
CA SER A 30 4.45 10.89 -12.96
C SER A 30 5.53 10.16 -13.75
N VAL A 31 5.62 8.85 -13.51
CA VAL A 31 6.56 8.00 -14.22
C VAL A 31 6.13 6.54 -14.12
N ASP A 32 6.31 5.78 -15.18
CA ASP A 32 5.81 4.41 -15.25
C ASP A 32 6.91 3.39 -14.98
N ASN A 33 7.86 3.75 -14.13
CA ASN A 33 8.88 2.80 -13.72
C ASN A 33 8.31 1.76 -12.78
N LYS A 34 7.25 2.17 -12.10
CA LYS A 34 6.47 1.29 -11.25
C LYS A 34 5.03 1.28 -11.72
N LYS A 35 4.23 0.37 -11.18
CA LYS A 35 2.81 0.29 -11.50
C LYS A 35 2.01 -0.07 -10.26
N PHE A 36 1.00 0.72 -9.96
CA PHE A 36 0.17 0.49 -8.79
C PHE A 36 -1.29 0.60 -9.18
N TRP A 37 -2.06 -0.44 -8.95
CA TRP A 37 -3.46 -0.44 -9.32
C TRP A 37 -4.33 -0.11 -8.13
N ALA A 38 -4.86 1.11 -8.11
CA ALA A 38 -5.70 1.57 -7.01
C ALA A 38 -7.16 1.48 -7.37
N THR A 39 -7.90 0.63 -6.68
CA THR A 39 -9.33 0.60 -6.84
C THR A 39 -9.95 1.65 -5.91
N VAL A 40 -10.60 2.63 -6.50
CA VAL A 40 -11.18 3.73 -5.74
C VAL A 40 -12.70 3.69 -5.84
N GLU A 41 -13.36 4.25 -4.85
CA GLU A 41 -14.81 4.31 -4.86
C GLU A 41 -15.27 5.71 -4.48
N SER A 42 -15.79 6.43 -5.45
CA SER A 42 -16.31 7.77 -5.22
C SER A 42 -17.82 7.75 -5.18
N SER A 43 -18.44 8.91 -5.08
CA SER A 43 -19.89 9.00 -5.21
C SER A 43 -20.30 8.77 -6.67
N GLU A 44 -19.33 8.96 -7.56
CA GLU A 44 -19.56 8.82 -8.99
C GLU A 44 -19.54 7.34 -9.39
N HIS A 45 -18.42 6.67 -9.13
CA HIS A 45 -18.27 5.28 -9.55
C HIS A 45 -17.06 4.65 -8.88
N SER A 46 -17.08 3.33 -8.76
CA SER A 46 -15.92 2.59 -8.27
C SER A 46 -15.13 2.08 -9.46
N PHE A 47 -13.83 2.35 -9.52
CA PHE A 47 -13.03 1.96 -10.66
C PHE A 47 -11.55 1.82 -10.30
N GLU A 48 -10.80 1.21 -11.20
CA GLU A 48 -9.38 0.98 -11.00
C GLU A 48 -8.57 2.05 -11.73
N VAL A 49 -7.74 2.75 -10.99
CA VAL A 49 -6.88 3.77 -11.54
C VAL A 49 -5.42 3.55 -11.12
N PRO A 50 -4.49 3.53 -12.07
CA PRO A 50 -3.07 3.30 -11.79
C PRO A 50 -2.39 4.51 -11.15
N ILE A 51 -1.49 4.25 -10.22
CA ILE A 51 -0.71 5.29 -9.57
C ILE A 51 0.71 5.28 -10.13
N TYR A 52 1.32 6.44 -10.26
CA TYR A 52 2.66 6.52 -10.82
C TYR A 52 3.54 7.44 -9.97
N ALA A 53 4.61 6.86 -9.43
CA ALA A 53 5.58 7.60 -8.62
C ALA A 53 6.95 6.94 -8.70
N GLU A 54 7.91 7.51 -7.98
CA GLU A 54 9.27 6.99 -7.99
C GLU A 54 9.33 5.62 -7.30
N THR A 55 8.88 5.58 -6.05
CA THR A 55 9.04 4.38 -5.23
C THR A 55 7.73 4.05 -4.49
N LEU A 56 7.65 2.84 -3.95
CA LEU A 56 6.47 2.35 -3.22
C LEU A 56 5.93 3.38 -2.23
N ASP A 57 6.77 3.79 -1.29
CA ASP A 57 6.37 4.70 -0.22
C ASP A 57 5.72 5.98 -0.76
N GLU A 58 6.29 6.52 -1.82
CA GLU A 58 5.79 7.75 -2.43
C GLU A 58 4.46 7.49 -3.12
N ALA A 59 4.42 6.41 -3.89
CA ALA A 59 3.21 6.02 -4.60
C ALA A 59 2.08 5.77 -3.63
N LEU A 60 2.40 5.14 -2.51
CA LEU A 60 1.44 4.87 -1.46
C LEU A 60 0.86 6.16 -0.91
N GLU A 61 1.72 7.16 -0.71
CA GLU A 61 1.28 8.46 -0.23
C GLU A 61 0.38 9.12 -1.25
N LEU A 62 0.86 9.19 -2.49
CA LEU A 62 0.12 9.87 -3.55
C LEU A 62 -1.17 9.14 -3.89
N ALA A 63 -1.17 7.82 -3.78
CA ALA A 63 -2.35 7.02 -4.10
C ALA A 63 -3.56 7.51 -3.31
N GLU A 64 -3.40 7.61 -2.00
CA GLU A 64 -4.47 8.13 -1.17
C GLU A 64 -4.47 9.66 -1.17
N TRP A 65 -3.35 10.24 -0.72
CA TRP A 65 -3.29 11.66 -0.40
C TRP A 65 -3.50 12.55 -1.62
N GLN A 66 -3.08 12.10 -2.80
CA GLN A 66 -3.23 12.90 -4.01
C GLN A 66 -4.61 12.70 -4.63
N TYR A 67 -5.23 11.56 -4.36
CA TYR A 67 -6.48 11.21 -5.01
C TYR A 67 -7.70 11.63 -4.19
N VAL A 68 -7.65 11.43 -2.88
CA VAL A 68 -8.82 11.66 -2.03
C VAL A 68 -9.31 13.12 -2.01
N PRO A 69 -8.44 14.16 -2.02
CA PRO A 69 -8.90 15.55 -1.98
C PRO A 69 -9.56 15.98 -3.29
N ALA A 70 -9.37 15.18 -4.33
CA ALA A 70 -9.92 15.49 -5.63
C ALA A 70 -11.32 14.91 -5.79
N GLY A 71 -11.83 14.29 -4.73
CA GLY A 71 -13.16 13.72 -4.76
C GLY A 71 -13.14 12.21 -4.88
N PHE A 72 -11.95 11.64 -4.90
CA PHE A 72 -11.80 10.20 -4.95
C PHE A 72 -11.69 9.64 -3.55
N GLU A 73 -11.84 8.34 -3.42
CA GLU A 73 -11.60 7.66 -2.16
C GLU A 73 -11.10 6.26 -2.46
N VAL A 74 -9.82 6.05 -2.24
CA VAL A 74 -9.19 4.78 -2.50
C VAL A 74 -9.79 3.69 -1.61
N THR A 75 -9.76 2.47 -2.09
CA THR A 75 -10.22 1.35 -1.29
C THR A 75 -9.05 0.42 -0.98
N ARG A 76 -8.44 -0.12 -2.03
CA ARG A 76 -7.26 -0.98 -1.89
C ARG A 76 -6.35 -0.76 -3.09
N VAL A 77 -5.07 -1.08 -2.96
CA VAL A 77 -4.14 -0.90 -4.06
C VAL A 77 -3.29 -2.16 -4.28
N ARG A 78 -2.95 -2.41 -5.52
CA ARG A 78 -2.07 -3.51 -5.89
C ARG A 78 -0.73 -2.97 -6.38
N PRO A 79 0.24 -2.81 -5.46
CA PRO A 79 1.57 -2.34 -5.81
C PRO A 79 2.42 -3.40 -6.49
N CYS A 80 3.34 -2.98 -7.33
CA CYS A 80 4.22 -3.89 -8.04
C CYS A 80 5.39 -4.32 -7.15
N VAL A 81 5.19 -5.39 -6.40
CA VAL A 81 6.25 -5.97 -5.60
C VAL A 81 6.95 -7.05 -6.39
N ALA A 82 8.23 -7.29 -6.09
CA ALA A 82 9.00 -8.32 -6.76
C ALA A 82 8.35 -9.69 -6.60
N PRO A 83 7.85 -10.26 -7.70
CA PRO A 83 7.19 -11.57 -7.68
C PRO A 83 8.19 -12.72 -7.62
N LYS A 84 8.98 -12.73 -6.56
CA LYS A 84 10.01 -13.73 -6.40
C LYS A 84 9.75 -14.54 -5.14
N PRO B 24 -0.98 -14.24 -1.46
CA PRO B 24 -0.57 -13.73 -0.13
C PRO B 24 -1.79 -13.50 0.76
N ALA B 25 -1.76 -14.08 1.95
CA ALA B 25 -2.83 -13.91 2.91
C ALA B 25 -2.48 -12.84 3.93
N ILE B 26 -2.88 -13.04 5.18
CA ILE B 26 -2.57 -12.11 6.25
C ILE B 26 -1.09 -12.25 6.63
N LEU B 27 -0.22 -11.61 5.87
CA LEU B 27 1.21 -11.73 6.07
C LEU B 27 1.94 -10.52 5.50
N ALA B 28 3.20 -10.39 5.86
CA ALA B 28 4.04 -9.34 5.31
C ALA B 28 4.77 -9.86 4.07
N GLU B 29 4.67 -9.12 2.98
CA GLU B 29 5.25 -9.51 1.69
C GLU B 29 6.77 -9.57 1.77
N ILE B 30 7.34 -8.87 2.73
CA ILE B 30 8.77 -8.85 2.95
C ILE B 30 9.09 -8.91 4.43
N SER B 31 10.32 -9.24 4.76
CA SER B 31 10.73 -9.37 6.14
C SER B 31 11.37 -8.08 6.62
N GLY B 32 10.98 -7.68 7.81
CA GLY B 32 11.48 -6.46 8.38
C GLY B 32 10.60 -5.93 9.48
N ILE B 33 10.69 -4.65 9.72
CA ILE B 33 9.86 -3.98 10.71
C ILE B 33 8.67 -3.33 10.03
N VAL B 34 7.50 -3.91 10.21
CA VAL B 34 6.30 -3.35 9.62
C VAL B 34 5.76 -2.24 10.50
N SER B 35 5.39 -1.13 9.88
CA SER B 35 4.92 0.03 10.62
C SER B 35 3.72 0.66 9.92
N PHE B 36 3.01 1.51 10.64
CA PHE B 36 1.84 2.19 10.09
C PHE B 36 2.13 3.67 9.94
N GLY B 37 1.42 4.31 9.03
CA GLY B 37 1.59 5.73 8.80
C GLY B 37 0.27 6.43 8.56
N LYS B 38 0.36 7.73 8.28
CA LYS B 38 -0.81 8.59 8.11
C LYS B 38 -1.78 8.02 7.07
N GLU B 39 -3.03 7.95 7.47
CA GLU B 39 -4.11 7.47 6.63
C GLU B 39 -5.29 8.45 6.66
N THR B 40 -6.21 8.33 5.70
CA THR B 40 -7.41 9.16 5.70
C THR B 40 -8.21 8.97 6.99
N LYS B 41 -8.96 7.87 7.06
CA LYS B 41 -9.77 7.57 8.23
C LYS B 41 -10.14 6.09 8.25
N GLY B 42 -10.40 5.52 7.08
CA GLY B 42 -10.77 4.13 6.99
C GLY B 42 -9.63 3.27 6.49
N LYS B 43 -8.46 3.87 6.38
CA LYS B 43 -7.29 3.16 5.91
C LYS B 43 -6.22 3.08 6.98
N ARG B 44 -5.09 2.51 6.60
CA ARG B 44 -3.96 2.32 7.50
C ARG B 44 -2.71 2.12 6.66
N ARG B 45 -1.82 3.10 6.67
CA ARG B 45 -0.68 3.09 5.76
C ARG B 45 0.34 2.02 6.20
N LEU B 46 0.36 0.90 5.48
CA LEU B 46 1.26 -0.18 5.82
C LEU B 46 2.61 0.04 5.16
N VAL B 47 3.59 0.43 5.95
CA VAL B 47 4.93 0.62 5.46
C VAL B 47 5.89 -0.36 6.13
N ILE B 48 6.47 -1.26 5.34
CA ILE B 48 7.37 -2.25 5.88
C ILE B 48 8.81 -1.81 5.71
N THR B 49 9.60 -2.02 6.74
CA THR B 49 11.01 -1.70 6.71
C THR B 49 11.83 -2.98 6.61
N PRO B 50 12.11 -3.44 5.37
CA PRO B 50 12.79 -4.72 5.13
C PRO B 50 14.22 -4.76 5.67
N VAL B 51 14.49 -5.73 6.52
CA VAL B 51 15.81 -5.89 7.11
C VAL B 51 16.51 -7.13 6.57
N ASP B 52 15.76 -7.96 5.85
CA ASP B 52 16.31 -9.17 5.26
C ASP B 52 16.33 -9.05 3.75
N GLY B 53 16.72 -7.88 3.27
CA GLY B 53 16.78 -7.65 1.84
C GLY B 53 16.34 -6.25 1.48
N SER B 54 16.92 -5.71 0.41
CA SER B 54 16.62 -4.36 -0.02
C SER B 54 15.45 -4.34 -1.00
N ASP B 55 14.28 -4.75 -0.51
CA ASP B 55 13.07 -4.78 -1.32
C ASP B 55 11.96 -4.00 -0.64
N PRO B 56 11.83 -2.71 -0.94
CA PRO B 56 10.79 -1.86 -0.34
C PRO B 56 9.39 -2.29 -0.76
N TYR B 57 8.46 -2.29 0.19
CA TYR B 57 7.08 -2.62 -0.10
C TYR B 57 6.15 -1.89 0.86
N GLU B 58 5.44 -0.93 0.32
CA GLU B 58 4.49 -0.16 1.07
C GLU B 58 3.13 -0.22 0.37
N GLU B 59 2.07 -0.55 1.09
CA GLU B 59 0.76 -0.70 0.47
C GLU B 59 -0.36 -0.12 1.32
N MET B 60 -1.57 -0.20 0.78
CA MET B 60 -2.74 0.42 1.39
C MET B 60 -3.53 -0.63 2.17
N ILE B 61 -3.22 -0.77 3.45
CA ILE B 61 -3.95 -1.69 4.30
C ILE B 61 -5.12 -0.96 4.94
N PRO B 62 -6.33 -1.27 4.51
CA PRO B 62 -7.54 -0.66 5.06
C PRO B 62 -7.72 -0.96 6.55
N LYS B 63 -8.49 -0.13 7.22
CA LYS B 63 -8.77 -0.29 8.65
C LYS B 63 -9.62 -1.53 8.87
N TRP B 64 -10.33 -1.93 7.82
CA TRP B 64 -11.18 -3.13 7.87
C TRP B 64 -10.43 -4.36 7.40
N ARG B 65 -9.11 -4.22 7.27
CA ARG B 65 -8.25 -5.33 6.86
C ARG B 65 -7.62 -5.98 8.07
N GLN B 66 -7.61 -7.31 8.06
CA GLN B 66 -6.93 -8.09 9.07
C GLN B 66 -5.42 -7.90 8.95
N LEU B 67 -4.79 -7.52 10.04
CA LEU B 67 -3.38 -7.17 10.04
C LEU B 67 -2.49 -8.35 10.39
N ASN B 68 -1.26 -8.29 9.90
CA ASN B 68 -0.26 -9.27 10.23
C ASN B 68 0.24 -9.05 11.65
N VAL B 69 0.43 -7.79 11.99
CA VAL B 69 0.83 -7.40 13.34
C VAL B 69 0.71 -5.88 13.48
N PHE B 70 1.01 -5.35 14.65
CA PHE B 70 0.97 -3.91 14.87
C PHE B 70 2.21 -3.23 14.29
N GLU B 71 2.27 -1.91 14.41
CA GLU B 71 3.35 -1.14 13.81
C GLU B 71 4.62 -1.18 14.65
N GLY B 72 5.75 -1.04 13.98
CA GLY B 72 7.04 -1.08 14.63
C GLY B 72 7.36 -2.46 15.16
N GLU B 73 6.80 -3.45 14.51
CA GLU B 73 6.95 -4.84 14.93
C GLU B 73 7.77 -5.63 13.92
N ARG B 74 8.52 -6.61 14.42
CA ARG B 74 9.42 -7.39 13.59
C ARG B 74 8.75 -8.67 13.10
N VAL B 75 8.62 -8.76 11.78
CA VAL B 75 8.03 -9.93 11.15
C VAL B 75 8.86 -10.34 9.93
N GLU B 76 8.74 -11.61 9.55
CA GLU B 76 9.45 -12.14 8.40
C GLU B 76 8.47 -12.36 7.25
N ARG B 77 9.00 -12.39 6.03
CA ARG B 77 8.18 -12.53 4.83
C ARG B 77 7.30 -13.77 4.90
N GLY B 78 5.99 -13.53 4.93
CA GLY B 78 5.04 -14.61 4.88
C GLY B 78 4.73 -15.17 6.25
N ASP B 79 5.77 -15.40 7.03
CA ASP B 79 5.61 -16.00 8.35
C ASP B 79 5.16 -14.97 9.37
N VAL B 80 3.93 -15.11 9.84
CA VAL B 80 3.39 -14.23 10.85
C VAL B 80 2.00 -14.68 11.31
N ILE B 81 1.04 -14.78 10.39
CA ILE B 81 -0.31 -15.18 10.76
C ILE B 81 -0.75 -16.44 10.03
N SER B 82 -0.64 -16.44 8.71
CA SER B 82 -1.15 -17.55 7.90
C SER B 82 -0.75 -17.37 6.45
N ASP B 83 -0.40 -18.49 5.83
CA ASP B 83 0.00 -18.50 4.43
C ASP B 83 -1.19 -18.64 3.53
N GLY B 84 -1.10 -18.00 2.38
CA GLY B 84 -2.14 -18.08 1.39
C GLY B 84 -1.69 -17.49 0.08
N THR A 26 4.21 15.86 -4.06
CA THR A 26 2.93 16.51 -3.70
C THR A 26 1.75 15.80 -4.36
N GLY A 27 1.92 15.38 -5.61
CA GLY A 27 0.86 14.69 -6.30
C GLY A 27 1.03 14.70 -7.79
N SER A 28 2.24 14.45 -8.27
CA SER A 28 2.52 14.49 -9.70
C SER A 28 2.88 13.11 -10.23
N LEU A 29 3.04 13.04 -11.54
CA LEU A 29 3.45 11.83 -12.22
C LEU A 29 4.97 11.73 -12.21
N SER A 30 5.50 10.91 -11.31
CA SER A 30 6.94 10.78 -11.14
C SER A 30 7.61 10.21 -12.38
N VAL A 31 7.26 8.97 -12.73
CA VAL A 31 7.87 8.31 -13.88
C VAL A 31 7.08 7.05 -14.25
N ASP A 32 6.59 6.33 -13.26
CA ASP A 32 5.77 5.13 -13.48
C ASP A 32 6.58 4.04 -14.18
N ASN A 33 7.46 3.41 -13.42
CA ASN A 33 8.24 2.28 -13.92
C ASN A 33 7.56 0.95 -13.54
N LYS A 34 6.86 0.98 -12.41
CA LYS A 34 6.03 -0.13 -11.99
C LYS A 34 4.56 0.24 -12.20
N LYS A 35 3.64 -0.61 -11.77
CA LYS A 35 2.22 -0.31 -11.90
C LYS A 35 1.53 -0.44 -10.56
N PHE A 36 0.68 0.54 -10.23
CA PHE A 36 -0.04 0.55 -8.97
C PHE A 36 -1.48 0.94 -9.21
N TRP A 37 -2.41 0.01 -8.97
CA TRP A 37 -3.82 0.29 -9.18
C TRP A 37 -4.51 0.61 -7.86
N ALA A 38 -4.95 1.85 -7.70
CA ALA A 38 -5.70 2.24 -6.52
C ALA A 38 -7.18 2.03 -6.76
N THR A 39 -7.80 1.25 -5.90
CA THR A 39 -9.21 1.02 -5.97
C THR A 39 -9.94 2.16 -5.28
N VAL A 40 -10.66 2.96 -6.05
CA VAL A 40 -11.40 4.09 -5.50
C VAL A 40 -12.89 3.91 -5.72
N GLU A 41 -13.67 4.18 -4.68
CA GLU A 41 -15.10 3.96 -4.74
C GLU A 41 -15.83 5.28 -4.68
N SER A 42 -16.67 5.55 -5.66
CA SER A 42 -17.47 6.75 -5.68
C SER A 42 -18.92 6.44 -5.32
N SER A 43 -19.79 7.43 -5.39
CA SER A 43 -21.21 7.21 -5.18
C SER A 43 -21.79 6.38 -6.33
N GLU A 44 -21.06 6.36 -7.44
CA GLU A 44 -21.50 5.65 -8.63
C GLU A 44 -21.08 4.17 -8.58
N HIS A 45 -19.78 3.93 -8.52
CA HIS A 45 -19.26 2.57 -8.52
C HIS A 45 -17.82 2.54 -8.04
N SER A 46 -17.27 1.35 -7.88
CA SER A 46 -15.88 1.20 -7.51
C SER A 46 -15.03 1.00 -8.76
N PHE A 47 -13.99 1.80 -8.91
CA PHE A 47 -13.14 1.71 -10.09
C PHE A 47 -11.67 1.76 -9.70
N GLU A 48 -10.82 1.28 -10.58
CA GLU A 48 -9.39 1.21 -10.31
C GLU A 48 -8.63 2.20 -11.20
N VAL A 49 -7.69 2.91 -10.60
CA VAL A 49 -6.93 3.92 -11.31
C VAL A 49 -5.43 3.76 -11.01
N PRO A 50 -4.57 3.76 -12.05
CA PRO A 50 -3.12 3.63 -11.88
C PRO A 50 -2.47 4.88 -11.30
N ILE A 51 -1.46 4.67 -10.46
CA ILE A 51 -0.65 5.75 -9.93
C ILE A 51 0.71 5.75 -10.60
N TYR A 52 1.16 6.92 -11.00
CA TYR A 52 2.44 7.04 -11.68
C TYR A 52 3.50 7.52 -10.69
N ALA A 53 4.43 6.64 -10.33
CA ALA A 53 5.41 6.96 -9.31
C ALA A 53 6.72 6.22 -9.55
N GLU A 54 7.67 6.45 -8.67
CA GLU A 54 8.96 5.80 -8.74
C GLU A 54 8.93 4.47 -8.02
N THR A 55 8.65 4.51 -6.73
CA THR A 55 8.66 3.31 -5.91
C THR A 55 7.34 3.18 -5.15
N LEU A 56 7.13 2.04 -4.48
CA LEU A 56 5.88 1.78 -3.79
C LEU A 56 5.54 2.89 -2.80
N ASP A 57 6.52 3.31 -2.01
CA ASP A 57 6.32 4.38 -1.03
C ASP A 57 5.75 5.63 -1.69
N GLU A 58 6.40 6.07 -2.77
CA GLU A 58 5.97 7.25 -3.51
C GLU A 58 4.54 7.04 -4.04
N ALA A 59 4.30 5.87 -4.62
CA ALA A 59 3.00 5.52 -5.16
C ALA A 59 1.94 5.53 -4.07
N LEU A 60 2.32 5.01 -2.92
CA LEU A 60 1.44 4.95 -1.76
C LEU A 60 1.11 6.36 -1.27
N GLU A 61 2.11 7.24 -1.31
CA GLU A 61 1.89 8.64 -0.99
C GLU A 61 0.85 9.26 -1.92
N LEU A 62 1.06 9.08 -3.21
CA LEU A 62 0.18 9.66 -4.22
C LEU A 62 -1.21 9.05 -4.16
N ALA A 63 -1.29 7.73 -4.00
CA ALA A 63 -2.57 7.03 -3.95
C ALA A 63 -3.51 7.70 -2.96
N GLU A 64 -2.96 8.08 -1.81
CA GLU A 64 -3.73 8.82 -0.82
C GLU A 64 -3.78 10.30 -1.18
N TRP A 65 -2.61 10.93 -1.14
CA TRP A 65 -2.51 12.39 -1.13
C TRP A 65 -2.91 13.04 -2.45
N GLN A 66 -2.79 12.32 -3.55
CA GLN A 66 -3.18 12.86 -4.84
C GLN A 66 -4.69 12.71 -5.06
N TYR A 67 -5.25 11.66 -4.47
CA TYR A 67 -6.62 11.28 -4.77
C TYR A 67 -7.64 11.81 -3.76
N VAL A 68 -7.32 11.73 -2.47
CA VAL A 68 -8.30 12.08 -1.45
C VAL A 68 -8.75 13.55 -1.48
N PRO A 69 -7.87 14.55 -1.78
CA PRO A 69 -8.29 15.95 -1.85
C PRO A 69 -8.97 16.27 -3.18
N ALA A 70 -8.92 15.31 -4.10
CA ALA A 70 -9.49 15.50 -5.43
C ALA A 70 -10.90 14.93 -5.50
N GLY A 71 -11.32 14.25 -4.44
CA GLY A 71 -12.67 13.72 -4.38
C GLY A 71 -12.73 12.22 -4.62
N PHE A 72 -11.58 11.57 -4.59
CA PHE A 72 -11.52 10.13 -4.76
C PHE A 72 -11.39 9.42 -3.41
N GLU A 73 -12.35 8.57 -3.09
CA GLU A 73 -12.30 7.81 -1.86
C GLU A 73 -11.64 6.46 -2.10
N VAL A 74 -10.35 6.39 -1.78
CA VAL A 74 -9.60 5.15 -1.91
C VAL A 74 -10.15 4.08 -0.97
N THR A 75 -10.18 2.84 -1.44
CA THR A 75 -10.61 1.72 -0.63
C THR A 75 -9.49 0.68 -0.51
N ARG A 76 -8.98 0.24 -1.64
CA ARG A 76 -7.91 -0.76 -1.67
C ARG A 76 -6.87 -0.38 -2.73
N VAL A 77 -5.85 -1.21 -2.89
CA VAL A 77 -4.81 -0.96 -3.88
C VAL A 77 -4.14 -2.27 -4.29
N ARG A 78 -3.69 -2.34 -5.53
CA ARG A 78 -2.92 -3.48 -6.01
C ARG A 78 -1.56 -3.00 -6.49
N PRO A 79 -0.55 -3.02 -5.61
CA PRO A 79 0.81 -2.63 -5.98
C PRO A 79 1.54 -3.74 -6.73
N CYS A 80 2.08 -3.40 -7.89
CA CYS A 80 2.81 -4.36 -8.68
C CYS A 80 4.27 -3.94 -8.80
N VAL A 81 5.09 -4.42 -7.88
CA VAL A 81 6.51 -4.11 -7.90
C VAL A 81 7.19 -4.83 -9.07
N ALA A 82 6.62 -5.96 -9.45
CA ALA A 82 7.06 -6.69 -10.61
C ALA A 82 5.88 -6.93 -11.56
N PRO A 83 5.59 -5.96 -12.43
CA PRO A 83 4.43 -6.03 -13.34
C PRO A 83 4.59 -7.14 -14.38
N LYS A 84 3.67 -8.09 -14.35
CA LYS A 84 3.67 -9.20 -15.29
C LYS A 84 2.34 -9.94 -15.23
N PRO B 24 1.44 -17.40 -1.15
CA PRO B 24 1.28 -16.45 -0.03
C PRO B 24 -0.19 -16.23 0.26
N ALA B 25 -0.51 -15.93 1.52
CA ALA B 25 -1.90 -15.69 1.91
C ALA B 25 -2.04 -14.39 2.69
N ILE B 26 -1.91 -14.46 4.01
CA ILE B 26 -2.02 -13.28 4.86
C ILE B 26 -0.70 -13.11 5.62
N LEU B 27 0.14 -12.22 5.15
CA LEU B 27 1.49 -12.13 5.67
C LEU B 27 2.17 -10.80 5.33
N ALA B 28 3.38 -10.64 5.84
CA ALA B 28 4.22 -9.52 5.48
C ALA B 28 5.10 -9.93 4.30
N GLU B 29 5.08 -9.12 3.24
CA GLU B 29 5.78 -9.44 1.99
C GLU B 29 7.28 -9.55 2.21
N ILE B 30 7.77 -8.91 3.26
CA ILE B 30 9.19 -8.88 3.57
C ILE B 30 9.39 -8.97 5.08
N SER B 31 10.63 -9.22 5.49
CA SER B 31 10.96 -9.29 6.90
C SER B 31 11.52 -7.96 7.36
N GLY B 32 11.11 -7.58 8.55
CA GLY B 32 11.59 -6.36 9.14
C GLY B 32 10.61 -5.80 10.13
N ILE B 33 10.69 -4.50 10.35
CA ILE B 33 9.77 -3.82 11.24
C ILE B 33 8.63 -3.20 10.45
N VAL B 34 7.45 -3.79 10.56
CA VAL B 34 6.29 -3.27 9.86
C VAL B 34 5.67 -2.13 10.65
N SER B 35 5.51 -1.00 10.00
CA SER B 35 4.94 0.17 10.64
C SER B 35 3.77 0.71 9.83
N PHE B 36 2.99 1.59 10.44
CA PHE B 36 1.84 2.17 9.76
C PHE B 36 1.95 3.69 9.75
N GLY B 37 1.78 4.27 8.57
CA GLY B 37 1.85 5.71 8.42
C GLY B 37 0.49 6.35 8.29
N LYS B 38 0.48 7.66 8.00
CA LYS B 38 -0.76 8.43 7.93
C LYS B 38 -1.77 7.82 6.97
N GLU B 39 -3.00 7.73 7.45
CA GLU B 39 -4.10 7.16 6.71
C GLU B 39 -5.31 8.10 6.74
N THR B 40 -6.27 7.88 5.85
CA THR B 40 -7.46 8.71 5.82
C THR B 40 -8.67 7.92 5.32
N LYS B 41 -9.81 8.18 5.96
CA LYS B 41 -11.10 7.60 5.57
C LYS B 41 -11.05 6.06 5.55
N GLY B 42 -10.85 5.48 6.73
CA GLY B 42 -10.86 4.04 6.87
C GLY B 42 -9.74 3.38 6.09
N LYS B 43 -8.51 3.66 6.47
CA LYS B 43 -7.35 3.09 5.81
C LYS B 43 -6.22 2.93 6.80
N ARG B 44 -5.09 2.43 6.32
CA ARG B 44 -3.90 2.27 7.13
C ARG B 44 -2.68 2.17 6.22
N ARG B 45 -1.69 3.02 6.43
CA ARG B 45 -0.54 3.05 5.55
C ARG B 45 0.48 1.97 5.93
N LEU B 46 0.46 0.86 5.20
CA LEU B 46 1.36 -0.25 5.46
C LEU B 46 2.75 0.05 4.91
N VAL B 47 3.67 0.36 5.80
CA VAL B 47 5.05 0.57 5.42
C VAL B 47 5.97 -0.37 6.20
N ILE B 48 6.43 -1.42 5.54
CA ILE B 48 7.30 -2.39 6.19
C ILE B 48 8.75 -1.98 6.01
N THR B 49 9.52 -2.13 7.06
CA THR B 49 10.92 -1.76 7.04
C THR B 49 11.79 -3.00 6.90
N PRO B 50 12.19 -3.34 5.66
CA PRO B 50 12.97 -4.56 5.37
C PRO B 50 14.35 -4.55 6.04
N VAL B 51 14.67 -5.63 6.72
CA VAL B 51 15.94 -5.73 7.44
C VAL B 51 16.88 -6.74 6.79
N ASP B 52 16.31 -7.70 6.07
CA ASP B 52 17.11 -8.74 5.44
C ASP B 52 17.81 -8.21 4.20
N GLY B 53 17.28 -7.14 3.64
CA GLY B 53 17.86 -6.54 2.47
C GLY B 53 17.13 -5.28 2.08
N SER B 54 17.46 -4.73 0.92
CA SER B 54 16.84 -3.51 0.46
C SER B 54 15.65 -3.81 -0.44
N ASP B 55 14.61 -4.37 0.14
CA ASP B 55 13.39 -4.69 -0.59
C ASP B 55 12.21 -3.91 -0.03
N PRO B 56 12.02 -2.68 -0.47
CA PRO B 56 10.92 -1.83 0.00
C PRO B 56 9.55 -2.38 -0.42
N TYR B 57 8.67 -2.54 0.55
CA TYR B 57 7.30 -2.94 0.26
C TYR B 57 6.32 -2.10 1.05
N GLU B 58 5.59 -1.26 0.34
CA GLU B 58 4.58 -0.43 0.95
C GLU B 58 3.24 -0.65 0.26
N GLU B 59 2.16 -0.54 1.01
CA GLU B 59 0.83 -0.79 0.47
C GLU B 59 -0.23 -0.01 1.24
N MET B 60 -1.24 0.44 0.53
CA MET B 60 -2.39 1.08 1.16
C MET B 60 -3.32 0.00 1.71
N ILE B 61 -2.97 -0.50 2.89
CA ILE B 61 -3.68 -1.61 3.47
C ILE B 61 -4.90 -1.12 4.26
N PRO B 62 -6.07 -1.68 3.98
CA PRO B 62 -7.29 -1.31 4.69
C PRO B 62 -7.32 -1.87 6.10
N LYS B 63 -7.88 -1.09 7.00
CA LYS B 63 -7.99 -1.47 8.41
C LYS B 63 -9.03 -2.58 8.57
N TRP B 64 -9.93 -2.65 7.60
CA TRP B 64 -10.97 -3.66 7.59
C TRP B 64 -10.47 -4.96 6.95
N ARG B 65 -9.22 -4.95 6.52
CA ARG B 65 -8.55 -6.14 6.03
C ARG B 65 -7.93 -6.90 7.20
N GLN B 66 -7.73 -8.20 7.02
CA GLN B 66 -6.99 -8.99 7.98
C GLN B 66 -5.52 -8.57 7.97
N LEU B 67 -5.16 -7.74 8.94
CA LEU B 67 -3.83 -7.17 9.01
C LEU B 67 -2.83 -8.17 9.56
N ASN B 68 -1.56 -7.96 9.25
CA ASN B 68 -0.51 -8.87 9.66
C ASN B 68 -0.19 -8.72 11.15
N VAL B 69 0.11 -7.51 11.58
CA VAL B 69 0.45 -7.26 12.98
C VAL B 69 0.46 -5.75 13.26
N PHE B 70 0.82 -5.35 14.46
CA PHE B 70 0.84 -3.94 14.83
C PHE B 70 2.06 -3.24 14.25
N GLU B 71 2.12 -1.92 14.39
CA GLU B 71 3.23 -1.14 13.86
C GLU B 71 4.45 -1.21 14.79
N GLY B 72 5.63 -1.17 14.19
CA GLY B 72 6.86 -1.24 14.95
C GLY B 72 7.10 -2.65 15.45
N GLU B 73 6.49 -3.60 14.79
CA GLU B 73 6.61 -5.00 15.14
C GLU B 73 7.56 -5.71 14.18
N ARG B 74 8.34 -6.63 14.72
CA ARG B 74 9.31 -7.37 13.92
C ARG B 74 8.69 -8.67 13.40
N VAL B 75 8.66 -8.79 12.08
CA VAL B 75 8.09 -9.96 11.43
C VAL B 75 9.02 -10.47 10.34
N GLU B 76 8.82 -11.72 9.95
CA GLU B 76 9.61 -12.31 8.87
C GLU B 76 8.69 -12.57 7.68
N ARG B 77 9.26 -12.54 6.48
CA ARG B 77 8.50 -12.69 5.24
C ARG B 77 7.68 -13.98 5.24
N GLY B 78 6.36 -13.82 5.17
CA GLY B 78 5.49 -14.97 5.03
C GLY B 78 4.91 -15.44 6.35
N ASP B 79 5.71 -15.41 7.40
CA ASP B 79 5.26 -15.89 8.71
C ASP B 79 4.68 -14.74 9.54
N VAL B 80 3.39 -14.84 9.89
CA VAL B 80 2.78 -13.90 10.83
C VAL B 80 1.32 -14.28 11.15
N ILE B 81 0.49 -14.47 10.13
CA ILE B 81 -0.91 -14.84 10.34
C ILE B 81 -1.21 -16.20 9.73
N SER B 82 -0.85 -16.36 8.47
CA SER B 82 -1.06 -17.59 7.75
C SER B 82 -0.20 -17.60 6.50
N ASP B 83 0.78 -18.49 6.51
CA ASP B 83 1.70 -18.60 5.38
C ASP B 83 1.24 -19.70 4.45
N GLY B 84 1.51 -19.52 3.18
CA GLY B 84 1.13 -20.50 2.20
C GLY B 84 1.44 -20.01 0.80
N THR A 26 -3.79 18.05 -6.73
CA THR A 26 -3.03 17.96 -7.99
C THR A 26 -3.22 16.57 -8.62
N GLY A 27 -4.39 16.36 -9.21
CA GLY A 27 -4.72 15.06 -9.76
C GLY A 27 -4.20 14.88 -11.17
N SER A 28 -2.91 15.03 -11.35
CA SER A 28 -2.29 14.89 -12.66
C SER A 28 -1.56 13.55 -12.78
N LEU A 29 -1.15 13.21 -13.99
CA LEU A 29 -0.45 11.97 -14.23
C LEU A 29 1.05 12.16 -13.96
N SER A 30 1.86 11.18 -14.37
CA SER A 30 3.30 11.26 -14.19
C SER A 30 3.96 10.06 -14.88
N VAL A 31 5.21 9.80 -14.54
CA VAL A 31 5.97 8.70 -15.13
C VAL A 31 5.30 7.35 -14.84
N ASP A 32 5.31 6.46 -15.82
CA ASP A 32 4.66 5.16 -15.69
C ASP A 32 5.70 4.04 -15.65
N ASN A 33 6.84 4.30 -15.04
CA ASN A 33 7.92 3.33 -14.96
C ASN A 33 7.51 2.07 -14.21
N LYS A 34 6.55 2.24 -13.31
CA LYS A 34 5.97 1.14 -12.56
C LYS A 34 4.48 1.09 -12.81
N LYS A 35 3.80 0.13 -12.18
CA LYS A 35 2.36 0.06 -12.27
C LYS A 35 1.76 -0.26 -10.90
N PHE A 36 0.97 0.67 -10.40
CA PHE A 36 0.28 0.50 -9.14
C PHE A 36 -1.21 0.71 -9.35
N TRP A 37 -2.00 -0.32 -9.13
CA TRP A 37 -3.43 -0.22 -9.40
C TRP A 37 -4.22 0.11 -8.14
N ALA A 38 -4.64 1.36 -8.04
CA ALA A 38 -5.44 1.83 -6.93
C ALA A 38 -6.92 1.80 -7.30
N THR A 39 -7.71 1.08 -6.54
CA THR A 39 -9.15 1.07 -6.76
C THR A 39 -9.78 2.16 -5.91
N VAL A 40 -10.30 3.17 -6.59
CA VAL A 40 -10.84 4.34 -5.92
C VAL A 40 -12.36 4.33 -6.01
N GLU A 41 -13.00 4.65 -4.91
CA GLU A 41 -14.44 4.62 -4.83
C GLU A 41 -15.01 6.02 -4.68
N SER A 42 -15.83 6.42 -5.64
CA SER A 42 -16.54 7.68 -5.54
C SER A 42 -17.83 7.46 -4.74
N SER A 43 -18.73 8.41 -4.78
CA SER A 43 -20.02 8.24 -4.12
C SER A 43 -20.93 7.34 -4.94
N GLU A 44 -20.44 6.91 -6.11
CA GLU A 44 -21.23 6.09 -7.01
C GLU A 44 -20.47 4.84 -7.46
N HIS A 45 -19.34 5.04 -8.13
CA HIS A 45 -18.65 3.96 -8.82
C HIS A 45 -17.19 3.86 -8.38
N SER A 46 -16.74 2.63 -8.17
CA SER A 46 -15.34 2.37 -7.87
C SER A 46 -14.61 1.93 -9.13
N PHE A 47 -13.38 2.40 -9.31
CA PHE A 47 -12.60 2.09 -10.50
C PHE A 47 -11.13 1.90 -10.17
N GLU A 48 -10.44 1.15 -11.01
CA GLU A 48 -9.01 0.91 -10.83
C GLU A 48 -8.21 1.87 -11.70
N VAL A 49 -7.41 2.71 -11.06
CA VAL A 49 -6.57 3.66 -11.76
C VAL A 49 -5.12 3.50 -11.31
N PRO A 50 -4.17 3.48 -12.26
CA PRO A 50 -2.75 3.41 -11.93
C PRO A 50 -2.26 4.66 -11.21
N ILE A 51 -1.28 4.46 -10.34
CA ILE A 51 -0.63 5.56 -9.65
C ILE A 51 0.73 5.79 -10.30
N TYR A 52 1.02 7.03 -10.63
CA TYR A 52 2.23 7.31 -11.37
C TYR A 52 3.28 7.95 -10.48
N ALA A 53 4.33 7.20 -10.21
CA ALA A 53 5.46 7.67 -9.42
C ALA A 53 6.70 6.86 -9.77
N GLU A 54 7.84 7.29 -9.27
CA GLU A 54 9.08 6.57 -9.55
C GLU A 54 9.30 5.45 -8.53
N THR A 55 9.02 5.73 -7.26
CA THR A 55 9.23 4.76 -6.20
C THR A 55 7.95 4.51 -5.41
N LEU A 56 7.81 3.32 -4.81
CA LEU A 56 6.59 2.94 -4.10
C LEU A 56 6.16 4.00 -3.07
N ASP A 57 7.10 4.44 -2.25
CA ASP A 57 6.84 5.41 -1.18
C ASP A 57 6.02 6.59 -1.67
N GLU A 58 6.44 7.17 -2.80
CA GLU A 58 5.77 8.34 -3.34
C GLU A 58 4.37 7.96 -3.84
N ALA A 59 4.28 6.84 -4.53
CA ALA A 59 3.01 6.35 -5.06
C ALA A 59 2.01 6.11 -3.95
N LEU A 60 2.48 5.54 -2.86
CA LEU A 60 1.65 5.27 -1.70
C LEU A 60 1.06 6.55 -1.14
N GLU A 61 1.82 7.62 -1.16
CA GLU A 61 1.34 8.91 -0.70
C GLU A 61 0.39 9.52 -1.71
N LEU A 62 0.77 9.49 -2.98
CA LEU A 62 -0.01 10.11 -4.04
C LEU A 62 -1.38 9.45 -4.20
N ALA A 63 -1.43 8.13 -4.07
CA ALA A 63 -2.70 7.40 -4.19
C ALA A 63 -3.79 8.04 -3.33
N GLU A 64 -3.43 8.39 -2.11
CA GLU A 64 -4.34 9.09 -1.22
C GLU A 64 -4.34 10.58 -1.53
N TRP A 65 -3.19 11.22 -1.31
CA TRP A 65 -3.08 12.68 -1.30
C TRP A 65 -3.51 13.31 -2.61
N GLN A 66 -3.33 12.61 -3.71
CA GLN A 66 -3.66 13.14 -5.02
C GLN A 66 -5.15 12.94 -5.34
N TYR A 67 -5.73 11.84 -4.84
CA TYR A 67 -7.09 11.47 -5.21
C TYR A 67 -8.15 11.92 -4.19
N VAL A 68 -7.81 11.90 -2.91
CA VAL A 68 -8.82 12.20 -1.87
C VAL A 68 -9.40 13.62 -1.93
N PRO A 69 -8.63 14.67 -2.29
CA PRO A 69 -9.17 16.03 -2.34
C PRO A 69 -10.04 16.27 -3.57
N ALA A 70 -10.05 15.29 -4.48
CA ALA A 70 -10.83 15.40 -5.71
C ALA A 70 -12.21 14.80 -5.53
N GLY A 71 -12.52 14.38 -4.31
CA GLY A 71 -13.82 13.82 -4.03
C GLY A 71 -13.86 12.32 -4.24
N PHE A 72 -12.70 11.69 -4.14
CA PHE A 72 -12.60 10.25 -4.29
C PHE A 72 -11.99 9.63 -3.05
N GLU A 73 -12.39 8.40 -2.72
CA GLU A 73 -11.86 7.71 -1.56
C GLU A 73 -11.20 6.41 -2.00
N VAL A 74 -9.97 6.20 -1.58
CA VAL A 74 -9.25 4.97 -1.93
C VAL A 74 -9.80 3.78 -1.15
N THR A 75 -10.09 2.71 -1.86
CA THR A 75 -10.63 1.51 -1.25
C THR A 75 -9.52 0.49 -1.02
N ARG A 76 -8.72 0.25 -2.04
CA ARG A 76 -7.60 -0.68 -1.96
C ARG A 76 -6.60 -0.38 -3.05
N VAL A 77 -5.40 -0.92 -2.93
CA VAL A 77 -4.39 -0.75 -3.97
C VAL A 77 -3.66 -2.05 -4.19
N ARG A 78 -3.18 -2.24 -5.41
CA ARG A 78 -2.36 -3.40 -5.73
C ARG A 78 -1.10 -2.96 -6.46
N PRO A 79 -0.02 -2.70 -5.70
CA PRO A 79 1.26 -2.30 -6.25
C PRO A 79 2.09 -3.51 -6.67
N CYS A 80 2.57 -3.48 -7.91
CA CYS A 80 3.41 -4.55 -8.40
C CYS A 80 4.84 -4.35 -7.92
N VAL A 81 5.13 -4.91 -6.75
CA VAL A 81 6.45 -4.77 -6.13
C VAL A 81 7.25 -6.06 -6.32
N ALA A 82 6.59 -7.19 -6.09
CA ALA A 82 7.22 -8.50 -6.22
C ALA A 82 6.39 -9.40 -7.12
N PRO A 83 6.44 -9.17 -8.44
CA PRO A 83 5.60 -9.89 -9.40
C PRO A 83 6.15 -11.27 -9.79
N LYS A 84 7.30 -11.62 -9.25
CA LYS A 84 7.92 -12.91 -9.56
C LYS A 84 8.59 -13.50 -8.31
N PRO B 24 -1.47 -14.79 -1.37
CA PRO B 24 -1.08 -14.25 -0.05
C PRO B 24 -2.27 -14.27 0.91
N ALA B 25 -1.98 -14.28 2.19
CA ALA B 25 -3.02 -14.26 3.21
C ALA B 25 -2.73 -13.15 4.22
N ILE B 26 -2.99 -13.42 5.49
CA ILE B 26 -2.69 -12.47 6.55
C ILE B 26 -1.20 -12.54 6.89
N LEU B 27 -0.38 -11.99 6.01
CA LEU B 27 1.07 -12.09 6.15
C LEU B 27 1.77 -10.85 5.60
N ALA B 28 3.03 -10.71 5.96
CA ALA B 28 3.87 -9.64 5.45
C ALA B 28 4.59 -10.12 4.18
N GLU B 29 4.55 -9.29 3.15
CA GLU B 29 5.13 -9.63 1.86
C GLU B 29 6.65 -9.78 1.96
N ILE B 30 7.23 -9.11 2.95
CA ILE B 30 8.66 -9.19 3.20
C ILE B 30 8.92 -9.31 4.70
N SER B 31 10.17 -9.57 5.06
CA SER B 31 10.53 -9.62 6.47
C SER B 31 11.02 -8.26 6.93
N GLY B 32 10.85 -7.99 8.20
CA GLY B 32 11.30 -6.74 8.76
C GLY B 32 10.36 -6.20 9.80
N ILE B 33 10.47 -4.91 10.07
CA ILE B 33 9.61 -4.27 11.05
C ILE B 33 8.42 -3.61 10.35
N VAL B 34 7.25 -4.18 10.50
CA VAL B 34 6.05 -3.61 9.90
C VAL B 34 5.60 -2.40 10.70
N SER B 35 5.34 -1.30 10.02
CA SER B 35 4.89 -0.09 10.69
C SER B 35 3.74 0.52 9.91
N PHE B 36 2.98 1.39 10.57
CA PHE B 36 1.84 2.02 9.94
C PHE B 36 2.01 3.53 9.95
N GLY B 37 1.75 4.14 8.80
CA GLY B 37 1.81 5.59 8.69
C GLY B 37 0.43 6.19 8.59
N LYS B 38 0.34 7.37 7.98
CA LYS B 38 -0.89 8.15 7.97
C LYS B 38 -2.07 7.33 7.46
N GLU B 39 -3.20 7.51 8.12
CA GLU B 39 -4.41 6.79 7.76
C GLU B 39 -5.46 7.77 7.28
N THR B 40 -6.00 7.54 6.08
CA THR B 40 -7.00 8.44 5.51
C THR B 40 -8.20 8.58 6.45
N LYS B 41 -9.03 7.54 6.50
CA LYS B 41 -10.13 7.48 7.44
C LYS B 41 -10.26 6.05 7.94
N GLY B 42 -10.62 5.16 7.03
CA GLY B 42 -10.61 3.74 7.32
C GLY B 42 -9.43 3.06 6.67
N LYS B 43 -8.45 3.87 6.27
CA LYS B 43 -7.25 3.36 5.62
C LYS B 43 -6.11 3.33 6.61
N ARG B 44 -4.96 2.84 6.17
CA ARG B 44 -3.77 2.78 7.00
C ARG B 44 -2.52 2.64 6.12
N ARG B 45 -1.48 3.44 6.35
CA ARG B 45 -0.28 3.37 5.52
C ARG B 45 0.57 2.15 5.92
N LEU B 46 0.55 1.13 5.09
CA LEU B 46 1.31 -0.09 5.35
C LEU B 46 2.74 0.09 4.85
N VAL B 47 3.68 0.20 5.78
CA VAL B 47 5.09 0.32 5.43
C VAL B 47 5.92 -0.68 6.22
N ILE B 48 6.38 -1.71 5.54
CA ILE B 48 7.25 -2.69 6.19
C ILE B 48 8.69 -2.25 6.07
N THR B 49 9.43 -2.39 7.14
CA THR B 49 10.82 -1.96 7.18
C THR B 49 11.77 -3.16 7.10
N PRO B 50 12.20 -3.51 5.88
CA PRO B 50 13.09 -4.66 5.66
C PRO B 50 14.45 -4.47 6.35
N VAL B 51 14.86 -5.48 7.11
CA VAL B 51 16.10 -5.40 7.87
C VAL B 51 17.10 -6.47 7.44
N ASP B 52 16.62 -7.49 6.72
CA ASP B 52 17.47 -8.56 6.22
C ASP B 52 17.63 -8.46 4.72
N GLY B 53 17.52 -7.25 4.21
CA GLY B 53 17.66 -7.03 2.79
C GLY B 53 17.12 -5.67 2.39
N SER B 54 17.35 -5.30 1.14
CA SER B 54 16.88 -4.02 0.64
C SER B 54 15.68 -4.22 -0.28
N ASP B 55 14.73 -5.03 0.18
CA ASP B 55 13.48 -5.23 -0.55
C ASP B 55 12.35 -4.47 0.13
N PRO B 56 12.11 -3.21 -0.25
CA PRO B 56 11.03 -2.41 0.33
C PRO B 56 9.65 -2.89 -0.12
N TYR B 57 8.65 -2.69 0.73
CA TYR B 57 7.28 -3.03 0.38
C TYR B 57 6.32 -2.13 1.12
N GLU B 58 5.67 -1.25 0.38
CA GLU B 58 4.75 -0.30 0.96
C GLU B 58 3.42 -0.38 0.22
N GLU B 59 2.32 -0.33 0.96
CA GLU B 59 1.00 -0.46 0.37
C GLU B 59 -0.03 0.35 1.15
N MET B 60 -1.17 0.62 0.52
CA MET B 60 -2.26 1.35 1.16
C MET B 60 -3.29 0.36 1.71
N ILE B 61 -2.98 -0.21 2.86
CA ILE B 61 -3.83 -1.23 3.47
C ILE B 61 -4.96 -0.57 4.24
N PRO B 62 -6.20 -1.04 4.05
CA PRO B 62 -7.34 -0.53 4.79
C PRO B 62 -7.39 -1.11 6.21
N LYS B 63 -7.97 -0.35 7.12
CA LYS B 63 -8.02 -0.73 8.52
C LYS B 63 -9.02 -1.86 8.73
N TRP B 64 -9.80 -2.14 7.70
CA TRP B 64 -10.76 -3.23 7.73
C TRP B 64 -10.09 -4.53 7.28
N ARG B 65 -8.87 -4.40 6.79
CA ARG B 65 -8.04 -5.55 6.44
C ARG B 65 -7.44 -6.14 7.70
N GLN B 66 -7.47 -7.46 7.80
CA GLN B 66 -6.84 -8.15 8.90
C GLN B 66 -5.33 -8.05 8.77
N LEU B 67 -4.73 -7.24 9.63
CA LEU B 67 -3.31 -6.97 9.58
C LEU B 67 -2.51 -8.12 10.18
N ASN B 68 -1.23 -8.15 9.86
CA ASN B 68 -0.36 -9.23 10.33
C ASN B 68 -0.06 -9.06 11.81
N VAL B 69 0.19 -7.82 12.22
CA VAL B 69 0.53 -7.51 13.58
C VAL B 69 0.51 -5.98 13.77
N PHE B 70 0.86 -5.50 14.94
CA PHE B 70 0.88 -4.06 15.20
C PHE B 70 2.11 -3.43 14.58
N GLU B 71 2.19 -2.10 14.61
CA GLU B 71 3.31 -1.40 14.01
C GLU B 71 4.53 -1.40 14.94
N GLY B 72 5.71 -1.39 14.33
CA GLY B 72 6.94 -1.43 15.08
C GLY B 72 7.24 -2.83 15.58
N GLU B 73 6.59 -3.79 14.93
CA GLU B 73 6.73 -5.19 15.31
C GLU B 73 7.54 -5.93 14.24
N ARG B 74 8.33 -6.89 14.68
CA ARG B 74 9.17 -7.65 13.76
C ARG B 74 8.43 -8.86 13.21
N VAL B 75 8.41 -8.98 11.90
CA VAL B 75 7.80 -10.12 11.22
C VAL B 75 8.74 -10.63 10.14
N GLU B 76 8.34 -11.71 9.48
CA GLU B 76 9.10 -12.27 8.39
C GLU B 76 8.20 -12.44 7.18
N ARG B 77 8.82 -12.61 6.02
CA ARG B 77 8.09 -12.79 4.77
C ARG B 77 7.23 -14.04 4.82
N GLY B 78 5.91 -13.84 4.80
CA GLY B 78 4.98 -14.96 4.78
C GLY B 78 4.66 -15.51 6.16
N ASP B 79 5.64 -15.49 7.05
CA ASP B 79 5.46 -16.07 8.39
C ASP B 79 4.97 -15.02 9.39
N VAL B 80 3.73 -15.19 9.86
CA VAL B 80 3.19 -14.35 10.93
C VAL B 80 1.83 -14.85 11.42
N ILE B 81 0.80 -14.86 10.57
CA ILE B 81 -0.54 -15.25 10.99
C ILE B 81 -1.05 -16.44 10.18
N SER B 82 -0.99 -16.33 8.86
CA SER B 82 -1.56 -17.33 7.99
C SER B 82 -0.95 -17.24 6.60
N ASP B 83 -0.53 -18.37 6.07
CA ASP B 83 0.08 -18.44 4.76
C ASP B 83 -0.99 -18.59 3.69
N GLY B 84 -0.74 -17.96 2.55
CA GLY B 84 -1.69 -18.04 1.45
C GLY B 84 -0.98 -18.19 0.12
#